data_4OGE
#
_entry.id   4OGE
#
_cell.length_a   75.415
_cell.length_b   133.025
_cell.length_c   80.690
_cell.angle_alpha   90.00
_cell.angle_beta   96.22
_cell.angle_gamma   90.00
#
_symmetry.space_group_name_H-M   'P 1 21 1'
#
loop_
_entity.id
_entity.type
_entity.pdbx_description
1 polymer 'HNH endonuclease domain protein'
2 non-polymer 'ZINC ION'
3 non-polymer 'MAGNESIUM ION'
4 non-polymer SPERMIDINE
5 water water
#
_entity_poly.entity_id   1
_entity_poly.type   'polypeptide(L)'
_entity_poly.pdbx_seq_one_letter_code
;MWYASLMSAHHLRVGIDVGTHSVGLATLRVDDHGTPIELLSALSHIHDSGVGKEGKKDHDTRKKLSGIARRARRLLHHRR
TQLQQLDEVLRDLGFPIPTPGEFLDLNEQTDPYRVWRVRARLVEEKLPEELRGPAISMAVRHIARHRGWRNPYSKVESLL
SPAEESPFMKALRERILATTGEVLDDGITPGQAMAQVALTHNISMRGPEGILGKLHQSDNANEIRKICARQGVSPDVCKQ
LLRAVFKADSPRGSAVSRVAPDPLPGQGSFRRAPKCDPEFQRFRIISIVANLRISETKGENRPLTADERRHVVTFLTEDS
QADLTWVDVAEKLGVHRRDLRGTAVHTDDGERSAARPPIDATDRIMRQTKISSLKTWWEEADSEQRGAMIRYLYEDPTDS
ECAEIIAELPEEDQAKLDSLHLPAGRAAYSRESLTALSDHMLATTDDLHEARKRLFGVDDSWAPPAEAINAPVGNPSVDR
TLKIVGRYLSAVESMWGTPEVIHVEHVRDGFTSERMADERDKANRRRYNDNQEAMKKIQRDYGKEGYISRGDIVRLDALE
LQGCACLYCGTTIGYHTCQLDHIVPQAGPGSNNRRGNLVAVCERCNRSKSNTPFAVWAQKCGIPHVGVKEAIGRVRGWRK
QTPNTSSEDLTRLKKEVIARLRRTQEDPEIDERSMESVAWMANELHHRIAAAYPETTVMVYRGSITAAARKAAGIDSRIN
LIGEKGRKDRIDRRHHAVDASVVALMEASVAKTLAERSSLRGEQRLTGKEQTWKQYTGSTVGAREHFEMWRGHMLHLTEL
FNERLAEDKVYVTQNIRLRLSDGNAHTVNPSKLVSHRLGDGLTVQQIDRACTPALWCALTREKDFDEKNGLPAREDRAIR
VHGHEIKSSDYIQVFSKRKKTDSDRDETPFGAIAVRGGFVEIGPSIHHARIYRVEGKKPVYAMLRVFTHDLLSQRHGDLF
SAVIPPQSISMRCAEPKLRKAITTGNATYLGWVVVGDELEINVDSFTKYAIGRFLEDFPNTTRWRICGYDTNSKLTLKPI
VLAAEGLENPSSAVNEIVELKGWRVAINVLTKVHPTVVRRDALGRPRYSSRSNLPTSWTIE
;
_entity_poly.pdbx_strand_id   A
#
loop_
_chem_comp.id
_chem_comp.type
_chem_comp.name
_chem_comp.formula
MG non-polymer 'MAGNESIUM ION' 'Mg 2'
SPD non-polymer SPERMIDINE 'C7 H19 N3'
ZN non-polymer 'ZINC ION' 'Zn 2'
#
# COMPACT_ATOMS: atom_id res chain seq x y z
N HIS A 10 11.15 -22.62 25.44
CA HIS A 10 11.15 -21.18 25.20
C HIS A 10 10.02 -20.76 24.26
N HIS A 11 8.94 -20.19 24.82
CA HIS A 11 7.81 -19.76 24.02
C HIS A 11 7.86 -18.27 23.64
N LEU A 12 8.15 -18.03 22.35
CA LEU A 12 8.22 -16.70 21.76
C LEU A 12 7.00 -16.42 20.91
N ARG A 13 6.32 -15.30 21.17
CA ARG A 13 5.17 -14.90 20.41
C ARG A 13 5.44 -13.52 19.81
N VAL A 14 5.36 -13.43 18.48
CA VAL A 14 5.57 -12.19 17.77
C VAL A 14 4.22 -11.63 17.33
N GLY A 15 4.06 -10.32 17.44
CA GLY A 15 2.83 -9.68 17.03
C GLY A 15 3.17 -8.53 16.12
N ILE A 16 2.32 -8.31 15.13
CA ILE A 16 2.58 -7.29 14.12
C ILE A 16 1.28 -6.56 13.86
N ASP A 17 1.31 -5.24 13.92
CA ASP A 17 0.12 -4.42 13.72
C ASP A 17 0.36 -3.59 12.47
N VAL A 18 -0.26 -3.98 11.36
CA VAL A 18 -0.09 -3.24 10.13
C VAL A 18 -1.05 -2.05 10.05
N GLY A 19 -0.50 -0.84 9.99
CA GLY A 19 -1.33 0.36 9.87
C GLY A 19 -1.16 0.97 8.49
N THR A 20 -1.82 2.09 8.24
CA THR A 20 -1.70 2.77 6.95
C THR A 20 -0.36 3.44 6.80
N HIS A 21 0.17 3.98 7.90
CA HIS A 21 1.43 4.72 7.86
C HIS A 21 2.49 4.12 8.79
N SER A 22 2.16 3.02 9.45
CA SER A 22 3.06 2.46 10.45
C SER A 22 2.90 0.96 10.55
N VAL A 23 3.87 0.34 11.21
CA VAL A 23 3.78 -1.05 11.61
C VAL A 23 4.24 -1.14 13.05
N GLY A 24 3.38 -1.62 13.93
CA GLY A 24 3.81 -1.93 15.29
C GLY A 24 4.38 -3.33 15.29
N LEU A 25 5.36 -3.58 16.15
CA LEU A 25 6.10 -4.84 16.15
C LEU A 25 6.35 -5.19 17.61
N ALA A 26 6.16 -6.45 17.99
CA ALA A 26 6.49 -6.83 19.37
C ALA A 26 6.88 -8.29 19.49
N THR A 27 7.77 -8.59 20.43
CA THR A 27 8.10 -9.96 20.76
C THR A 27 7.97 -10.15 22.25
N LEU A 28 7.30 -11.25 22.59
CA LEU A 28 6.87 -11.54 23.95
C LEU A 28 7.33 -12.95 24.31
N ARG A 29 7.87 -13.12 25.52
CA ARG A 29 8.18 -14.47 25.99
C ARG A 29 7.09 -14.86 27.01
N VAL A 30 6.49 -16.04 26.84
CA VAL A 30 5.48 -16.52 27.79
C VAL A 30 5.96 -17.85 28.35
N ASP A 31 5.48 -18.22 29.54
CA ASP A 31 5.85 -19.53 30.10
C ASP A 31 4.98 -20.65 29.56
N ASP A 32 5.14 -21.84 30.13
CA ASP A 32 4.39 -23.04 29.69
C ASP A 32 2.86 -22.89 29.70
N HIS A 33 2.34 -22.02 30.55
CA HIS A 33 0.89 -21.88 30.64
C HIS A 33 0.40 -20.56 30.04
N GLY A 34 1.27 -19.92 29.28
CA GLY A 34 0.92 -18.70 28.54
C GLY A 34 1.03 -17.38 29.29
N THR A 35 1.54 -17.39 30.51
CA THR A 35 1.68 -16.12 31.22
C THR A 35 2.90 -15.35 30.68
N PRO A 36 2.67 -14.10 30.25
CA PRO A 36 3.76 -13.26 29.74
C PRO A 36 4.78 -13.08 30.84
N ILE A 37 6.05 -13.40 30.61
CA ILE A 37 7.06 -13.16 31.61
C ILE A 37 8.07 -12.09 31.19
N GLU A 38 8.21 -11.86 29.88
CA GLU A 38 9.14 -10.84 29.40
C GLU A 38 8.72 -10.23 28.08
N LEU A 39 8.66 -8.91 28.03
CA LEU A 39 8.39 -8.19 26.80
C LEU A 39 9.75 -7.91 26.20
N LEU A 40 10.17 -8.75 25.26
CA LEU A 40 11.54 -8.68 24.75
C LEU A 40 11.70 -7.51 23.81
N SER A 41 10.66 -7.20 23.07
CA SER A 41 10.76 -6.11 22.11
C SER A 41 9.41 -5.46 21.87
N ALA A 42 9.40 -4.14 21.73
CA ALA A 42 8.16 -3.45 21.37
C ALA A 42 8.52 -2.16 20.69
N LEU A 43 7.99 -1.95 19.49
CA LEU A 43 8.30 -0.72 18.78
C LEU A 43 7.27 -0.36 17.74
N SER A 44 7.34 0.89 17.31
CA SER A 44 6.50 1.40 16.25
C SER A 44 7.42 1.87 15.15
N HIS A 45 7.28 1.28 13.97
CA HIS A 45 8.02 1.72 12.80
C HIS A 45 7.12 2.60 11.95
N ILE A 46 7.50 3.86 11.81
CA ILE A 46 6.71 4.82 11.05
C ILE A 46 7.20 4.83 9.59
N HIS A 47 6.26 4.91 8.63
CA HIS A 47 6.60 4.95 7.20
C HIS A 47 6.86 6.36 6.70
N ASP A 48 7.65 6.43 5.61
CA ASP A 48 7.86 7.59 4.69
C ASP A 48 9.33 7.70 4.29
N LEU A 65 1.84 10.32 -15.52
CA LEU A 65 2.80 9.54 -14.75
C LEU A 65 2.26 8.16 -14.43
N SER A 66 2.27 7.77 -13.16
CA SER A 66 1.85 6.43 -12.72
C SER A 66 2.66 5.31 -13.37
N GLY A 67 2.35 4.06 -12.99
CA GLY A 67 3.01 2.91 -13.57
C GLY A 67 2.66 2.72 -15.04
N ILE A 68 1.38 2.91 -15.36
CA ILE A 68 0.88 2.70 -16.72
C ILE A 68 1.60 3.56 -17.76
N ALA A 69 1.63 4.87 -17.54
CA ALA A 69 2.27 5.77 -18.49
C ALA A 69 3.80 5.79 -18.39
N ARG A 70 4.36 5.34 -17.28
CA ARG A 70 5.81 5.21 -17.18
C ARG A 70 6.29 4.01 -18.00
N ARG A 71 5.53 2.91 -17.90
CA ARG A 71 5.74 1.76 -18.77
C ARG A 71 5.56 2.18 -20.22
N ALA A 72 4.53 2.99 -20.46
CA ALA A 72 4.26 3.55 -21.77
C ALA A 72 5.47 4.32 -22.32
N ARG A 73 6.08 5.16 -21.48
CA ARG A 73 7.22 5.99 -21.89
C ARG A 73 8.51 5.19 -22.12
N ARG A 74 8.82 4.29 -21.20
CA ARG A 74 9.94 3.35 -21.37
C ARG A 74 9.81 2.64 -22.72
N LEU A 75 8.59 2.13 -22.97
CA LEU A 75 8.22 1.51 -24.23
C LEU A 75 8.47 2.45 -25.42
N LEU A 76 8.05 3.71 -25.27
CA LEU A 76 8.20 4.71 -26.33
C LEU A 76 9.65 4.96 -26.71
N HIS A 77 10.50 5.15 -25.69
CA HIS A 77 11.92 5.41 -25.91
C HIS A 77 12.62 4.23 -26.54
N HIS A 78 12.41 3.03 -25.98
CA HIS A 78 13.04 1.83 -26.53
C HIS A 78 12.61 1.56 -27.97
N ARG A 79 11.31 1.65 -28.23
CA ARG A 79 10.80 1.53 -29.59
C ARG A 79 11.45 2.57 -30.50
N ARG A 80 11.54 3.81 -30.01
CA ARG A 80 12.12 4.92 -30.76
C ARG A 80 13.55 4.62 -31.20
N THR A 81 14.39 4.22 -30.26
CA THR A 81 15.76 3.81 -30.56
C THR A 81 15.79 2.65 -31.54
N GLN A 82 14.79 1.77 -31.47
CA GLN A 82 14.65 0.69 -32.44
C GLN A 82 14.36 1.21 -33.88
N LEU A 83 13.54 2.26 -33.96
CA LEU A 83 13.25 2.91 -35.24
C LEU A 83 14.51 3.57 -35.78
N GLN A 84 15.31 4.11 -34.86
CA GLN A 84 16.60 4.70 -35.21
C GLN A 84 17.54 3.63 -35.78
N GLN A 85 17.53 2.45 -35.16
CA GLN A 85 18.29 1.30 -35.66
C GLN A 85 17.82 0.91 -37.06
N LEU A 86 16.50 0.98 -37.28
CA LEU A 86 15.93 0.70 -38.59
C LEU A 86 16.46 1.70 -39.64
N ASP A 87 16.50 2.99 -39.27
CA ASP A 87 17.05 4.02 -40.15
C ASP A 87 18.53 3.77 -40.43
N GLU A 88 19.23 3.28 -39.41
CA GLU A 88 20.64 2.89 -39.53
C GLU A 88 20.78 1.83 -40.60
N VAL A 89 19.95 0.79 -40.51
CA VAL A 89 19.92 -0.28 -41.51
C VAL A 89 19.63 0.25 -42.91
N LEU A 90 18.66 1.16 -43.01
CA LEU A 90 18.25 1.71 -44.30
C LEU A 90 19.34 2.54 -44.99
N ARG A 91 19.92 3.49 -44.25
CA ARG A 91 20.96 4.36 -44.79
C ARG A 91 22.11 3.57 -45.40
N ASP A 92 22.61 2.61 -44.63
CA ASP A 92 23.73 1.78 -45.03
C ASP A 92 23.31 0.74 -46.08
N LEU A 93 22.01 0.65 -46.33
CA LEU A 93 21.48 -0.23 -47.37
C LEU A 93 21.20 0.53 -48.66
N GLY A 94 21.83 1.70 -48.81
CA GLY A 94 21.64 2.52 -50.00
C GLY A 94 20.27 3.17 -50.08
N PHE A 95 19.70 3.50 -48.92
CA PHE A 95 18.40 4.14 -48.83
C PHE A 95 18.49 5.45 -48.04
N PRO A 96 17.80 6.50 -48.48
CA PRO A 96 17.85 7.80 -47.81
C PRO A 96 16.80 7.94 -46.70
N ILE A 97 17.23 8.33 -45.50
CA ILE A 97 16.31 8.42 -44.35
C ILE A 97 15.10 9.37 -44.48
N PRO A 98 15.20 10.45 -45.29
CA PRO A 98 13.94 11.19 -45.46
C PRO A 98 13.39 11.00 -46.87
N SER A 137 13.05 7.20 -58.19
CA SER A 137 12.07 7.59 -57.17
C SER A 137 11.56 6.38 -56.41
N MET A 138 12.00 5.19 -56.80
CA MET A 138 11.58 3.96 -56.16
C MET A 138 12.19 3.83 -54.76
N ALA A 139 13.34 4.47 -54.56
CA ALA A 139 14.12 4.31 -53.33
C ALA A 139 13.50 4.98 -52.11
N VAL A 140 13.17 6.27 -52.22
CA VAL A 140 12.55 7.00 -51.12
C VAL A 140 11.14 6.49 -50.87
N ARG A 141 10.53 5.92 -51.91
CA ARG A 141 9.24 5.26 -51.80
C ARG A 141 9.36 4.02 -50.94
N HIS A 142 10.37 3.19 -51.24
CA HIS A 142 10.66 2.01 -50.44
C HIS A 142 10.96 2.39 -48.98
N ILE A 143 11.74 3.44 -48.82
CA ILE A 143 12.04 4.02 -47.51
C ILE A 143 10.77 4.36 -46.73
N ALA A 144 9.87 5.11 -47.37
CA ALA A 144 8.65 5.57 -46.73
C ALA A 144 7.74 4.40 -46.37
N ARG A 145 7.61 3.45 -47.30
CA ARG A 145 6.80 2.27 -47.09
C ARG A 145 7.30 1.43 -45.90
N HIS A 146 8.60 1.15 -45.87
CA HIS A 146 9.19 0.33 -44.81
C HIS A 146 9.20 1.03 -43.45
N ARG A 147 9.47 2.34 -43.46
CA ARG A 147 9.43 3.13 -42.24
C ARG A 147 7.99 3.25 -41.73
N GLY A 148 7.19 4.06 -42.41
CA GLY A 148 5.81 4.27 -42.03
C GLY A 148 4.92 3.03 -42.01
N TRP A 149 4.69 2.44 -43.18
CA TRP A 149 3.68 1.37 -43.31
C TRP A 149 4.04 0.02 -42.67
N ARG A 150 4.98 0.03 -41.72
CA ARG A 150 5.38 -1.21 -41.07
C ARG A 150 6.05 -1.03 -39.70
N ASN A 151 6.99 -0.08 -39.61
CA ASN A 151 7.84 0.04 -38.42
C ASN A 151 7.19 0.56 -37.12
N PRO A 152 6.19 1.47 -37.21
CA PRO A 152 5.46 1.73 -35.97
C PRO A 152 4.07 1.10 -35.98
N TYR A 153 3.88 0.09 -36.82
CA TYR A 153 2.55 -0.50 -37.01
C TYR A 153 2.40 -1.92 -36.47
N SER A 154 3.50 -2.66 -36.40
CA SER A 154 3.52 -3.99 -35.78
C SER A 154 2.47 -4.94 -36.36
N LYS A 155 2.26 -4.88 -37.68
CA LYS A 155 1.23 -5.65 -38.34
C LYS A 155 1.40 -7.16 -38.15
N VAL A 156 2.65 -7.60 -38.10
CA VAL A 156 2.99 -9.01 -38.13
C VAL A 156 3.94 -9.39 -36.99
N GLU A 157 3.45 -9.99 -35.89
CA GLU A 157 2.04 -10.24 -35.54
C GLU A 157 1.17 -11.08 -36.48
N SER A 158 1.71 -12.19 -36.98
CA SER A 158 0.94 -13.15 -37.76
C SER A 158 0.47 -14.32 -36.88
N LEU A 159 1.34 -15.30 -36.69
CA LEU A 159 1.00 -16.49 -35.91
C LEU A 159 1.10 -16.26 -34.40
N LEU A 160 0.96 -15.00 -33.99
CA LEU A 160 0.93 -14.62 -32.57
C LEU A 160 2.16 -15.06 -31.78
N SER A 161 3.21 -14.25 -31.81
CA SER A 161 4.47 -14.63 -31.19
C SER A 161 5.21 -13.50 -30.46
N PRO A 162 5.56 -13.74 -29.19
CA PRO A 162 6.52 -12.93 -28.45
C PRO A 162 7.87 -13.64 -28.42
N ALA A 163 8.38 -13.96 -29.61
CA ALA A 163 9.62 -14.72 -29.72
C ALA A 163 10.76 -13.89 -30.30
N GLU A 164 10.69 -12.58 -30.10
CA GLU A 164 11.70 -11.65 -30.59
C GLU A 164 11.93 -11.80 -32.09
N GLU A 165 13.05 -12.41 -32.46
CA GLU A 165 13.35 -12.70 -33.87
C GLU A 165 12.23 -13.56 -34.47
N SER A 166 12.07 -13.50 -35.79
CA SER A 166 10.94 -14.18 -36.42
C SER A 166 11.20 -14.58 -37.86
N PRO A 167 11.26 -15.90 -38.10
CA PRO A 167 11.50 -16.50 -39.43
C PRO A 167 10.40 -16.14 -40.43
N PHE A 168 10.77 -16.06 -41.71
CA PHE A 168 9.80 -15.75 -42.76
C PHE A 168 8.90 -16.94 -43.05
N MET A 169 9.45 -18.14 -42.88
CA MET A 169 8.73 -19.41 -43.09
C MET A 169 8.11 -19.58 -44.49
N LYS A 170 8.28 -18.58 -45.35
CA LYS A 170 7.68 -18.59 -46.68
C LYS A 170 8.65 -19.13 -47.72
N ARG A 225 5.62 -0.84 -63.24
CA ARG A 225 5.83 -2.17 -63.83
C ARG A 225 5.90 -3.24 -62.74
N LYS A 226 6.16 -4.48 -63.16
CA LYS A 226 6.24 -5.61 -62.23
C LYS A 226 7.68 -5.81 -61.74
N ILE A 227 8.63 -5.59 -62.63
CA ILE A 227 10.04 -5.84 -62.35
C ILE A 227 10.65 -4.83 -61.37
N CYS A 228 10.09 -3.63 -61.32
CA CYS A 228 10.61 -2.57 -60.45
C CYS A 228 10.34 -2.85 -58.96
N ALA A 229 9.14 -3.36 -58.66
CA ALA A 229 8.79 -3.69 -57.28
C ALA A 229 8.14 -5.07 -57.20
N ARG A 230 8.61 -5.90 -56.27
CA ARG A 230 9.68 -5.54 -55.36
C ARG A 230 10.91 -6.44 -55.56
N GLN A 231 11.68 -6.62 -54.49
CA GLN A 231 12.87 -7.48 -54.49
C GLN A 231 14.00 -6.96 -55.38
N GLY A 232 15.25 -7.19 -54.97
CA GLY A 232 15.58 -7.94 -53.77
C GLY A 232 16.89 -8.69 -53.99
N VAL A 233 16.82 -10.02 -54.07
CA VAL A 233 15.59 -10.76 -53.84
C VAL A 233 15.67 -11.45 -52.48
N SER A 234 16.53 -12.46 -52.39
CA SER A 234 16.85 -13.11 -51.11
C SER A 234 17.32 -12.11 -50.04
N PRO A 235 18.18 -11.13 -50.40
CA PRO A 235 18.50 -10.13 -49.38
C PRO A 235 17.30 -9.26 -49.05
N ASP A 236 17.51 -8.23 -48.24
CA ASP A 236 16.45 -7.34 -47.79
C ASP A 236 15.44 -8.08 -46.91
N VAL A 237 15.81 -9.29 -46.52
CA VAL A 237 15.25 -9.92 -45.33
C VAL A 237 15.92 -9.22 -44.17
N CYS A 238 17.01 -8.50 -44.47
CA CYS A 238 17.59 -7.55 -43.53
C CYS A 238 16.52 -6.57 -43.10
N LYS A 239 15.77 -6.05 -44.07
CA LYS A 239 14.66 -5.12 -43.81
C LYS A 239 13.54 -5.75 -42.96
N GLN A 240 13.13 -6.96 -43.35
CA GLN A 240 12.08 -7.69 -42.64
C GLN A 240 12.46 -7.95 -41.19
N LEU A 241 13.71 -8.38 -40.98
CA LEU A 241 14.26 -8.60 -39.64
C LEU A 241 14.47 -7.28 -38.91
N LEU A 242 14.55 -6.19 -39.67
CA LEU A 242 14.93 -4.88 -39.11
C LEU A 242 13.80 -4.09 -38.48
N ARG A 243 12.57 -4.26 -38.99
CA ARG A 243 11.42 -3.45 -38.56
C ARG A 243 11.31 -3.34 -37.04
N ALA A 244 12.11 -2.43 -36.47
CA ALA A 244 12.36 -2.32 -35.03
C ALA A 244 13.04 -3.59 -34.51
N VAL A 245 13.96 -4.12 -35.33
CA VAL A 245 14.53 -5.46 -35.16
C VAL A 245 13.43 -6.52 -35.01
N PHE A 246 12.23 -6.18 -35.46
CA PHE A 246 11.02 -6.90 -35.09
C PHE A 246 11.00 -7.17 -33.58
N LYS A 247 11.15 -6.10 -32.81
CA LYS A 247 11.12 -6.15 -31.35
C LYS A 247 12.06 -7.19 -30.75
N ALA A 248 13.24 -7.34 -31.35
CA ALA A 248 14.20 -8.37 -30.94
C ALA A 248 15.56 -7.79 -30.55
N ASP A 249 15.73 -7.44 -29.28
CA ASP A 249 14.65 -7.53 -28.30
C ASP A 249 14.28 -6.13 -27.83
N SER A 250 13.00 -5.79 -27.94
CA SER A 250 12.53 -4.49 -27.48
C SER A 250 12.71 -4.24 -25.97
N PRO A 251 12.21 -5.15 -25.12
CA PRO A 251 12.13 -4.77 -23.70
C PRO A 251 13.39 -5.06 -22.86
N ARG A 252 13.75 -4.08 -22.02
CA ARG A 252 14.76 -4.27 -20.99
C ARG A 252 14.07 -4.47 -19.63
N GLY A 253 12.89 -3.87 -19.48
CA GLY A 253 12.15 -3.97 -18.24
C GLY A 253 11.04 -5.02 -18.29
N SER A 254 10.54 -5.37 -17.10
CA SER A 254 9.45 -6.34 -16.93
C SER A 254 8.29 -6.10 -17.91
N ALA A 255 7.64 -7.16 -18.39
CA ALA A 255 7.77 -8.52 -17.85
C ALA A 255 8.77 -9.44 -18.55
N VAL A 256 9.95 -8.92 -18.89
CA VAL A 256 10.98 -9.76 -19.50
C VAL A 256 12.17 -9.97 -18.58
N SER A 257 12.34 -9.06 -17.62
CA SER A 257 13.53 -9.04 -16.78
C SER A 257 13.36 -8.19 -15.53
N ARG A 258 13.04 -8.85 -14.43
CA ARG A 258 12.83 -10.29 -14.46
C ARG A 258 11.42 -10.66 -14.04
N VAL A 259 10.70 -11.32 -14.94
CA VAL A 259 9.66 -12.22 -14.47
C VAL A 259 10.26 -13.59 -14.64
N ALA A 260 10.38 -14.31 -13.53
CA ALA A 260 11.00 -15.62 -13.52
C ALA A 260 10.15 -16.61 -14.34
N PRO A 261 10.81 -17.62 -14.91
CA PRO A 261 10.11 -18.64 -15.71
C PRO A 261 9.33 -19.63 -14.88
N ASP A 262 8.30 -20.22 -15.49
CA ASP A 262 7.56 -21.37 -14.94
C ASP A 262 8.56 -22.50 -14.65
N PRO A 263 8.55 -23.03 -13.41
CA PRO A 263 9.58 -24.01 -13.02
C PRO A 263 9.13 -25.45 -13.32
N LEU A 264 7.91 -25.62 -13.82
CA LEU A 264 7.46 -26.97 -14.21
C LEU A 264 8.24 -27.48 -15.43
N PRO A 265 8.67 -28.75 -15.40
CA PRO A 265 9.40 -29.34 -16.54
C PRO A 265 8.58 -29.14 -17.82
N GLY A 266 9.23 -28.68 -18.89
CA GLY A 266 8.56 -28.45 -20.15
C GLY A 266 7.97 -27.05 -20.31
N GLN A 267 7.83 -26.31 -19.22
CA GLN A 267 7.13 -25.02 -19.23
C GLN A 267 8.09 -23.84 -19.13
N GLY A 268 9.38 -24.15 -19.07
CA GLY A 268 10.40 -23.16 -18.76
C GLY A 268 10.55 -22.04 -19.75
N SER A 269 9.82 -22.08 -20.87
CA SER A 269 9.86 -20.96 -21.80
C SER A 269 8.68 -20.02 -21.57
N PHE A 270 7.83 -20.33 -20.57
CA PHE A 270 6.73 -19.43 -20.24
C PHE A 270 7.04 -18.67 -18.95
N ARG A 271 6.71 -17.38 -18.94
CA ARG A 271 6.90 -16.54 -17.75
C ARG A 271 5.79 -16.79 -16.72
N ARG A 272 6.13 -16.73 -15.43
CA ARG A 272 5.10 -16.92 -14.40
C ARG A 272 4.07 -15.80 -14.48
N ALA A 273 2.81 -16.13 -14.23
CA ALA A 273 1.72 -15.16 -14.31
C ALA A 273 1.58 -14.36 -13.00
N PRO A 274 1.12 -13.10 -13.09
CA PRO A 274 0.82 -12.34 -11.87
C PRO A 274 -0.45 -12.93 -11.24
N LYS A 275 -0.55 -12.89 -9.92
CA LYS A 275 -1.76 -13.45 -9.27
C LYS A 275 -3.05 -12.71 -9.62
N CYS A 276 -2.97 -11.45 -10.06
CA CYS A 276 -4.19 -10.74 -10.46
C CYS A 276 -4.79 -11.29 -11.76
N ASP A 277 -4.02 -12.08 -12.49
CA ASP A 277 -4.53 -12.68 -13.74
C ASP A 277 -5.76 -13.53 -13.45
N PRO A 278 -6.89 -13.23 -14.12
CA PRO A 278 -8.12 -14.00 -14.03
C PRO A 278 -7.87 -15.50 -14.10
N GLU A 279 -6.89 -15.90 -14.92
CA GLU A 279 -6.56 -17.32 -14.99
C GLU A 279 -5.97 -17.82 -13.67
N PHE A 280 -5.23 -16.97 -12.96
CA PHE A 280 -4.78 -17.43 -11.66
C PHE A 280 -5.92 -17.51 -10.68
N GLN A 281 -6.78 -16.50 -10.67
CA GLN A 281 -7.92 -16.50 -9.76
C GLN A 281 -8.77 -17.77 -9.96
N ARG A 282 -9.02 -18.11 -11.23
CA ARG A 282 -9.79 -19.30 -11.56
C ARG A 282 -9.05 -20.56 -11.10
N PHE A 283 -7.74 -20.64 -11.39
CA PHE A 283 -6.94 -21.76 -10.88
C PHE A 283 -7.06 -21.95 -9.38
N ARG A 284 -7.02 -20.84 -8.65
CA ARG A 284 -7.03 -20.89 -7.20
C ARG A 284 -8.36 -21.44 -6.70
N ILE A 285 -9.44 -20.89 -7.25
CA ILE A 285 -10.78 -21.36 -6.89
C ILE A 285 -10.91 -22.86 -7.18
N ILE A 286 -10.56 -23.27 -8.41
CA ILE A 286 -10.63 -24.69 -8.78
C ILE A 286 -9.80 -25.58 -7.87
N SER A 287 -8.61 -25.12 -7.51
CA SER A 287 -7.69 -25.92 -6.69
C SER A 287 -8.31 -26.16 -5.28
N ILE A 288 -8.93 -25.10 -4.77
CA ILE A 288 -9.58 -25.21 -3.47
C ILE A 288 -10.76 -26.17 -3.56
N VAL A 289 -11.58 -26.00 -4.59
CA VAL A 289 -12.72 -26.90 -4.82
C VAL A 289 -12.28 -28.35 -4.98
N ALA A 290 -11.13 -28.56 -5.62
CA ALA A 290 -10.60 -29.91 -5.84
C ALA A 290 -10.12 -30.53 -4.54
N ASN A 291 -9.91 -29.73 -3.49
CA ASN A 291 -9.67 -30.34 -2.17
C ASN A 291 -10.92 -30.81 -1.40
N LEU A 292 -12.11 -30.42 -1.85
CA LEU A 292 -13.33 -30.71 -1.08
C LEU A 292 -13.67 -32.19 -1.13
N ARG A 293 -14.22 -32.72 -0.04
CA ARG A 293 -14.69 -34.12 0.01
C ARG A 293 -16.16 -34.18 0.42
N ILE A 294 -16.87 -35.21 0.01
CA ILE A 294 -18.21 -35.45 0.50
C ILE A 294 -18.24 -36.76 1.26
N SER A 295 -18.84 -36.73 2.46
CA SER A 295 -19.02 -37.98 3.19
C SER A 295 -20.43 -38.51 2.95
N GLU A 296 -20.52 -39.74 2.46
CA GLU A 296 -21.83 -40.36 2.25
C GLU A 296 -22.12 -41.44 3.29
N THR A 297 -21.05 -41.94 3.89
CA THR A 297 -21.11 -42.86 5.01
C THR A 297 -19.71 -42.86 5.64
N LYS A 298 -19.59 -43.21 6.92
CA LYS A 298 -18.32 -43.07 7.62
C LYS A 298 -17.57 -44.39 7.80
N GLY A 299 -16.27 -44.39 7.53
CA GLY A 299 -15.57 -43.23 7.00
C GLY A 299 -15.24 -43.43 5.52
N GLU A 300 -16.05 -42.84 4.66
CA GLU A 300 -15.97 -43.09 3.21
C GLU A 300 -16.03 -41.79 2.41
N ASN A 301 -15.14 -40.85 2.72
CA ASN A 301 -14.98 -39.63 1.94
C ASN A 301 -14.80 -39.93 0.46
N ARG A 302 -15.41 -39.13 -0.39
CA ARG A 302 -15.06 -39.17 -1.81
C ARG A 302 -14.80 -37.76 -2.27
N PRO A 303 -13.93 -37.57 -3.27
CA PRO A 303 -13.82 -36.21 -3.81
C PRO A 303 -15.10 -35.83 -4.55
N LEU A 304 -15.33 -34.55 -4.78
CA LEU A 304 -16.40 -34.12 -5.66
C LEU A 304 -16.15 -34.65 -7.06
N THR A 305 -17.22 -35.08 -7.73
CA THR A 305 -17.12 -35.53 -9.12
C THR A 305 -16.85 -34.31 -9.98
N ALA A 306 -16.43 -34.54 -11.23
CA ALA A 306 -16.26 -33.47 -12.20
C ALA A 306 -17.50 -32.57 -12.33
N ASP A 307 -18.69 -33.17 -12.41
CA ASP A 307 -19.94 -32.41 -12.49
C ASP A 307 -20.17 -31.50 -11.28
N GLU A 308 -20.05 -32.09 -10.08
CA GLU A 308 -20.09 -31.31 -8.85
C GLU A 308 -19.06 -30.18 -8.84
N ARG A 309 -17.82 -30.48 -9.28
CA ARG A 309 -16.77 -29.46 -9.32
C ARG A 309 -17.15 -28.29 -10.22
N ARG A 310 -17.64 -28.59 -11.41
CA ARG A 310 -18.12 -27.56 -12.33
C ARG A 310 -19.24 -26.74 -11.72
N HIS A 311 -20.16 -27.42 -11.03
CA HIS A 311 -21.33 -26.80 -10.41
C HIS A 311 -20.89 -25.79 -9.34
N VAL A 312 -19.99 -26.23 -8.47
CA VAL A 312 -19.48 -25.36 -7.40
C VAL A 312 -18.64 -24.21 -7.96
N VAL A 313 -17.75 -24.50 -8.91
CA VAL A 313 -16.93 -23.43 -9.50
C VAL A 313 -17.77 -22.37 -10.21
N THR A 314 -18.74 -22.83 -11.00
CA THR A 314 -19.70 -21.93 -11.65
C THR A 314 -20.41 -21.07 -10.59
N PHE A 315 -20.81 -21.70 -9.49
CA PHE A 315 -21.51 -20.96 -8.42
C PHE A 315 -20.58 -19.92 -7.77
N LEU A 316 -19.36 -20.31 -7.40
CA LEU A 316 -18.43 -19.38 -6.76
C LEU A 316 -18.05 -18.21 -7.68
N THR A 317 -18.14 -18.40 -8.99
CA THR A 317 -17.79 -17.33 -9.92
C THR A 317 -19.00 -16.52 -10.45
N GLU A 318 -20.21 -16.90 -10.05
CA GLU A 318 -21.41 -16.16 -10.42
C GLU A 318 -21.32 -14.71 -9.95
N ASP A 319 -20.93 -14.53 -8.69
CA ASP A 319 -20.93 -13.21 -8.07
C ASP A 319 -19.75 -13.07 -7.13
N SER A 320 -18.70 -12.39 -7.58
CA SER A 320 -17.51 -12.19 -6.76
C SER A 320 -17.78 -11.28 -5.57
N GLN A 321 -18.93 -10.59 -5.57
CA GLN A 321 -19.26 -9.70 -4.47
C GLN A 321 -20.11 -10.37 -3.39
N ALA A 322 -20.55 -11.59 -3.63
CA ALA A 322 -21.32 -12.31 -2.61
C ALA A 322 -20.42 -12.60 -1.40
N ASP A 323 -21.03 -12.67 -0.22
CA ASP A 323 -20.31 -13.12 0.96
C ASP A 323 -20.85 -14.49 1.38
N LEU A 324 -20.19 -15.54 0.90
CA LEU A 324 -20.68 -16.90 1.06
C LEU A 324 -19.97 -17.60 2.20
N THR A 325 -20.60 -18.63 2.75
CA THR A 325 -19.91 -19.53 3.66
C THR A 325 -19.94 -20.91 3.02
N TRP A 326 -19.25 -21.87 3.63
CA TRP A 326 -19.29 -23.23 3.12
C TRP A 326 -20.70 -23.84 3.23
N VAL A 327 -21.54 -23.31 4.11
CA VAL A 327 -22.96 -23.75 4.13
C VAL A 327 -23.64 -23.48 2.78
N ASP A 328 -23.43 -22.29 2.21
CA ASP A 328 -23.92 -22.04 0.85
C ASP A 328 -23.40 -23.07 -0.16
N VAL A 329 -22.15 -23.48 -0.02
CA VAL A 329 -21.62 -24.45 -0.97
C VAL A 329 -22.28 -25.80 -0.73
N ALA A 330 -22.50 -26.16 0.53
CA ALA A 330 -23.14 -27.42 0.86
C ALA A 330 -24.56 -27.47 0.28
N GLU A 331 -25.29 -26.37 0.41
CA GLU A 331 -26.64 -26.31 -0.15
C GLU A 331 -26.61 -26.42 -1.67
N LYS A 332 -25.69 -25.70 -2.30
CA LYS A 332 -25.55 -25.79 -3.75
C LYS A 332 -25.28 -27.25 -4.15
N LEU A 333 -24.46 -27.95 -3.37
CA LEU A 333 -24.20 -29.36 -3.64
C LEU A 333 -25.34 -30.31 -3.24
N GLY A 334 -26.30 -29.81 -2.48
CA GLY A 334 -27.34 -30.70 -1.97
C GLY A 334 -26.82 -31.68 -0.93
N VAL A 335 -25.90 -31.23 -0.08
CA VAL A 335 -25.47 -32.08 1.03
C VAL A 335 -25.60 -31.30 2.34
N HIS A 336 -25.75 -31.99 3.46
CA HIS A 336 -25.66 -31.34 4.77
C HIS A 336 -24.25 -30.75 4.94
N ARG A 337 -24.17 -29.55 5.52
CA ARG A 337 -22.88 -28.94 5.81
C ARG A 337 -21.89 -29.91 6.48
N ARG A 338 -22.38 -30.63 7.48
CA ARG A 338 -21.54 -31.58 8.22
C ARG A 338 -20.90 -32.68 7.33
N ASP A 339 -21.46 -32.90 6.13
CA ASP A 339 -20.98 -33.97 5.25
C ASP A 339 -20.01 -33.44 4.19
N LEU A 340 -19.84 -32.12 4.16
CA LEU A 340 -18.84 -31.50 3.29
C LEU A 340 -17.51 -31.35 4.04
N ARG A 341 -16.45 -31.97 3.51
CA ARG A 341 -15.14 -31.93 4.15
C ARG A 341 -14.08 -31.29 3.26
N GLY A 342 -12.90 -31.08 3.82
CA GLY A 342 -11.76 -30.62 3.06
C GLY A 342 -11.76 -29.11 2.91
N THR A 343 -12.59 -28.42 3.69
CA THR A 343 -12.66 -26.97 3.55
C THR A 343 -11.46 -26.35 4.24
N ALA A 344 -10.85 -27.10 5.15
CA ALA A 344 -9.73 -26.60 5.96
C ALA A 344 -8.39 -27.23 5.56
N VAL A 345 -8.36 -27.90 4.43
CA VAL A 345 -7.11 -28.48 3.92
C VAL A 345 -6.26 -27.42 3.19
N HIS A 346 -4.97 -27.42 3.45
CA HIS A 346 -4.05 -26.52 2.75
C HIS A 346 -3.83 -26.98 1.31
N THR A 347 -3.65 -26.02 0.41
CA THR A 347 -3.29 -26.31 -0.98
C THR A 347 -1.87 -26.86 -1.06
N ARG A 352 -2.67 -20.50 3.64
CA ARG A 352 -3.60 -21.14 4.57
C ARG A 352 -4.78 -21.74 3.83
N SER A 353 -5.51 -22.62 4.50
CA SER A 353 -6.77 -23.14 3.98
C SER A 353 -7.79 -22.02 3.93
N ALA A 354 -8.87 -22.22 3.18
CA ALA A 354 -9.92 -21.22 3.08
C ALA A 354 -11.02 -21.47 4.12
N ALA A 355 -11.12 -20.57 5.10
CA ALA A 355 -12.22 -20.59 6.06
C ALA A 355 -13.56 -20.29 5.38
N ARG A 356 -13.53 -19.38 4.41
CA ARG A 356 -14.68 -19.06 3.59
C ARG A 356 -14.37 -19.52 2.17
N PRO A 357 -15.43 -19.79 1.37
CA PRO A 357 -15.24 -20.16 -0.04
C PRO A 357 -14.47 -19.07 -0.80
N PRO A 358 -13.68 -19.46 -1.79
CA PRO A 358 -12.90 -18.43 -2.50
C PRO A 358 -13.74 -17.69 -3.54
N ILE A 359 -13.33 -16.48 -3.90
CA ILE A 359 -13.92 -15.72 -4.98
C ILE A 359 -12.83 -15.24 -5.94
N ASP A 360 -13.25 -14.71 -7.10
CA ASP A 360 -12.31 -14.05 -8.01
C ASP A 360 -12.03 -12.63 -7.48
N ALA A 361 -10.90 -12.47 -6.80
CA ALA A 361 -10.61 -11.19 -6.14
C ALA A 361 -10.39 -10.06 -7.16
N THR A 362 -9.90 -10.43 -8.34
CA THR A 362 -9.68 -9.43 -9.38
C THR A 362 -11.01 -8.90 -9.90
N ASP A 363 -11.95 -9.80 -10.17
CA ASP A 363 -13.25 -9.39 -10.67
C ASP A 363 -13.94 -8.51 -9.63
N ARG A 364 -13.84 -8.89 -8.35
CA ARG A 364 -14.47 -8.11 -7.29
C ARG A 364 -13.90 -6.70 -7.27
N ILE A 365 -12.58 -6.59 -7.34
CA ILE A 365 -11.98 -5.27 -7.37
C ILE A 365 -12.45 -4.47 -8.58
N MET A 366 -12.56 -5.12 -9.73
CA MET A 366 -12.97 -4.40 -10.94
C MET A 366 -14.43 -3.93 -10.86
N ARG A 367 -15.28 -4.67 -10.16
CA ARG A 367 -16.67 -4.26 -10.02
C ARG A 367 -16.90 -3.23 -8.90
N GLN A 368 -15.93 -3.11 -8.00
CA GLN A 368 -16.06 -2.17 -6.89
C GLN A 368 -15.23 -0.89 -7.03
N THR A 369 -14.51 -0.74 -8.14
CA THR A 369 -13.64 0.43 -8.32
C THR A 369 -14.43 1.74 -8.51
N LYS A 370 -13.91 2.82 -7.93
CA LYS A 370 -14.53 4.14 -8.05
C LYS A 370 -14.31 4.78 -9.43
N ILE A 371 -13.53 4.10 -10.26
CA ILE A 371 -13.30 4.53 -11.63
C ILE A 371 -14.46 4.06 -12.52
N SER A 372 -15.42 4.95 -12.72
CA SER A 372 -16.71 4.62 -13.34
C SER A 372 -16.64 3.92 -14.70
N SER A 373 -15.92 4.51 -15.65
CA SER A 373 -15.89 3.98 -17.02
C SER A 373 -15.11 2.67 -17.13
N LEU A 374 -14.19 2.44 -16.19
CA LEU A 374 -13.43 1.20 -16.17
C LEU A 374 -14.35 0.07 -15.70
N LYS A 375 -15.10 0.36 -14.65
CA LYS A 375 -16.09 -0.59 -14.12
C LYS A 375 -17.10 -0.93 -15.20
N THR A 376 -17.65 0.12 -15.82
CA THR A 376 -18.59 0.00 -16.93
C THR A 376 -18.03 -0.88 -18.06
N TRP A 377 -16.77 -0.62 -18.42
CA TRP A 377 -16.11 -1.42 -19.45
C TRP A 377 -16.06 -2.90 -19.07
N TRP A 378 -15.52 -3.16 -17.88
CA TRP A 378 -15.40 -4.52 -17.36
C TRP A 378 -16.74 -5.24 -17.39
N GLU A 379 -17.82 -4.51 -17.07
CA GLU A 379 -19.16 -5.10 -17.00
C GLU A 379 -19.57 -5.80 -18.29
N GLU A 380 -19.35 -5.14 -19.41
CA GLU A 380 -19.76 -5.68 -20.71
C GLU A 380 -18.58 -6.25 -21.49
N ALA A 381 -17.47 -6.49 -20.81
CA ALA A 381 -16.23 -6.91 -21.46
C ALA A 381 -16.20 -8.39 -21.89
N ASP A 382 -15.28 -8.70 -22.82
CA ASP A 382 -15.31 -9.93 -23.61
C ASP A 382 -14.75 -11.18 -22.93
N SER A 383 -14.38 -11.07 -21.66
CA SER A 383 -13.73 -12.14 -20.87
C SER A 383 -12.27 -12.41 -21.26
N GLU A 384 -12.02 -12.77 -22.52
CA GLU A 384 -10.64 -12.84 -23.00
C GLU A 384 -10.05 -11.43 -22.93
N GLN A 385 -10.92 -10.45 -23.17
CA GLN A 385 -10.55 -9.04 -23.08
C GLN A 385 -10.38 -8.58 -21.64
N ARG A 386 -11.11 -9.22 -20.71
CA ARG A 386 -10.91 -8.97 -19.29
C ARG A 386 -9.48 -9.35 -18.90
N GLY A 387 -9.09 -10.56 -19.30
CA GLY A 387 -7.74 -11.04 -19.05
C GLY A 387 -6.69 -10.11 -19.66
N ALA A 388 -6.84 -9.85 -20.95
CA ALA A 388 -5.91 -8.96 -21.65
C ALA A 388 -5.81 -7.60 -20.97
N MET A 389 -6.95 -7.08 -20.51
CA MET A 389 -6.96 -5.78 -19.85
C MET A 389 -6.22 -5.80 -18.50
N ILE A 390 -6.44 -6.86 -17.73
CA ILE A 390 -5.75 -7.00 -16.45
C ILE A 390 -4.25 -7.05 -16.67
N ARG A 391 -3.82 -7.87 -17.64
CA ARG A 391 -2.40 -7.90 -18.02
C ARG A 391 -1.88 -6.52 -18.41
N TYR A 392 -2.65 -5.77 -19.19
CA TYR A 392 -2.23 -4.43 -19.59
C TYR A 392 -2.04 -3.52 -18.38
N LEU A 393 -3.07 -3.45 -17.53
CA LEU A 393 -3.05 -2.58 -16.35
C LEU A 393 -1.95 -2.97 -15.38
N TYR A 394 -1.58 -4.24 -15.35
CA TYR A 394 -0.62 -4.70 -14.38
C TYR A 394 0.85 -4.56 -14.78
N GLU A 395 1.21 -5.00 -15.98
CA GLU A 395 2.63 -5.06 -16.31
C GLU A 395 2.98 -5.02 -17.80
N ASP A 396 2.01 -5.25 -18.68
CA ASP A 396 2.33 -5.30 -20.10
C ASP A 396 1.78 -4.11 -20.90
N PRO A 397 2.66 -3.14 -21.21
CA PRO A 397 2.27 -1.96 -21.98
C PRO A 397 2.20 -2.27 -23.47
N THR A 398 1.87 -3.51 -23.84
CA THR A 398 1.93 -3.93 -25.23
C THR A 398 0.66 -4.59 -25.74
N ASP A 399 -0.43 -3.83 -25.74
CA ASP A 399 -1.64 -4.24 -26.45
C ASP A 399 -2.10 -3.05 -27.28
N SER A 400 -2.88 -3.29 -28.32
CA SER A 400 -3.39 -2.21 -29.15
C SER A 400 -4.74 -1.77 -28.62
N GLU A 401 -5.64 -2.75 -28.49
CA GLU A 401 -7.00 -2.54 -28.01
C GLU A 401 -7.03 -1.69 -26.74
N CYS A 402 -6.18 -2.03 -25.77
CA CYS A 402 -5.83 -1.13 -24.68
C CYS A 402 -4.36 -0.80 -24.90
N ALA A 403 -3.96 0.47 -24.89
CA ALA A 403 -4.74 1.60 -24.34
C ALA A 403 -5.62 2.34 -25.32
N GLU A 404 -6.09 1.70 -26.38
CA GLU A 404 -7.12 2.32 -27.21
C GLU A 404 -8.45 2.28 -26.46
N ILE A 405 -8.53 1.38 -25.48
CA ILE A 405 -9.62 1.35 -24.53
C ILE A 405 -9.38 2.40 -23.44
N ILE A 406 -8.15 2.45 -22.94
CA ILE A 406 -7.80 3.28 -21.79
C ILE A 406 -7.98 4.80 -22.02
N ALA A 407 -7.34 5.33 -23.06
CA ALA A 407 -7.26 6.78 -23.29
C ALA A 407 -8.51 7.63 -22.98
N GLU A 408 -9.68 7.01 -23.03
CA GLU A 408 -10.95 7.73 -22.86
C GLU A 408 -11.20 8.20 -21.42
N LEU A 409 -11.87 9.36 -21.29
CA LEU A 409 -12.24 9.92 -20.00
C LEU A 409 -11.09 10.09 -19.02
N PRO A 410 -10.30 11.19 -19.18
CA PRO A 410 -9.23 11.52 -18.24
C PRO A 410 -9.77 11.78 -16.84
N GLU A 411 -8.90 12.17 -15.91
CA GLU A 411 -9.24 12.24 -14.47
C GLU A 411 -9.48 10.84 -13.89
N GLU A 412 -10.21 10.02 -14.63
CA GLU A 412 -10.28 8.59 -14.36
C GLU A 412 -8.98 7.94 -14.82
N ASP A 413 -8.52 8.33 -16.01
CA ASP A 413 -7.21 7.93 -16.53
C ASP A 413 -6.09 8.38 -15.58
N GLN A 414 -6.37 9.44 -14.83
CA GLN A 414 -5.36 10.09 -13.98
C GLN A 414 -4.90 9.25 -12.80
N ALA A 415 -4.60 9.93 -11.69
CA ALA A 415 -4.12 9.26 -10.48
C ALA A 415 -5.11 8.22 -9.97
N LYS A 416 -6.33 8.26 -10.51
CA LYS A 416 -7.33 7.24 -10.23
C LYS A 416 -6.85 5.85 -10.64
N LEU A 417 -6.15 5.77 -11.78
CA LEU A 417 -5.68 4.48 -12.28
C LEU A 417 -4.61 3.86 -11.39
N ASP A 418 -3.78 4.72 -10.78
CA ASP A 418 -2.79 4.25 -9.81
C ASP A 418 -3.48 3.85 -8.51
N SER A 419 -4.74 4.27 -8.36
CA SER A 419 -5.55 3.90 -7.20
C SER A 419 -6.14 2.50 -7.36
N LEU A 420 -6.01 1.91 -8.55
CA LEU A 420 -6.52 0.57 -8.79
C LEU A 420 -5.57 -0.46 -8.21
N HIS A 421 -6.01 -1.15 -7.17
CA HIS A 421 -5.14 -2.08 -6.44
C HIS A 421 -5.46 -3.55 -6.72
N LEU A 422 -5.00 -4.03 -7.87
CA LEU A 422 -5.20 -5.43 -8.25
C LEU A 422 -4.54 -6.36 -7.24
N PRO A 423 -5.09 -7.57 -7.05
CA PRO A 423 -4.50 -8.52 -6.08
C PRO A 423 -3.01 -8.68 -6.35
N ALA A 424 -2.19 -8.67 -5.31
CA ALA A 424 -0.74 -8.66 -5.47
C ALA A 424 -0.14 -10.06 -5.58
N GLY A 425 1.11 -10.13 -6.03
CA GLY A 425 1.85 -11.39 -5.95
C GLY A 425 2.15 -11.97 -7.32
N ARG A 426 3.12 -12.88 -7.37
CA ARG A 426 3.49 -13.56 -8.61
C ARG A 426 3.14 -15.02 -8.42
N ALA A 427 2.36 -15.58 -9.33
CA ALA A 427 2.01 -17.00 -9.23
C ALA A 427 3.26 -17.89 -9.40
N ALA A 428 3.14 -19.12 -8.94
CA ALA A 428 4.22 -20.09 -9.10
C ALA A 428 4.34 -20.56 -10.56
N TYR A 429 3.28 -20.39 -11.36
CA TYR A 429 3.24 -20.99 -12.70
C TYR A 429 2.83 -19.98 -13.77
N SER A 430 3.13 -20.31 -15.03
CA SER A 430 2.66 -19.54 -16.18
C SER A 430 1.17 -19.71 -16.42
N ARG A 431 0.59 -18.84 -17.24
CA ARG A 431 -0.80 -18.96 -17.64
C ARG A 431 -1.07 -20.32 -18.27
N GLU A 432 -0.19 -20.70 -19.21
CA GLU A 432 -0.25 -22.01 -19.87
C GLU A 432 -0.45 -23.15 -18.84
N SER A 433 0.41 -23.19 -17.82
CA SER A 433 0.31 -24.22 -16.81
C SER A 433 -0.96 -24.06 -15.97
N LEU A 434 -1.30 -22.82 -15.65
CA LEU A 434 -2.46 -22.54 -14.82
C LEU A 434 -3.73 -23.07 -15.48
N THR A 435 -3.93 -22.76 -16.76
CA THR A 435 -5.09 -23.25 -17.47
C THR A 435 -5.06 -24.77 -17.64
N ALA A 436 -3.89 -25.35 -17.95
CA ALA A 436 -3.81 -26.81 -18.07
C ALA A 436 -4.21 -27.53 -16.78
N LEU A 437 -3.65 -27.06 -15.66
CA LEU A 437 -3.99 -27.61 -14.35
C LEU A 437 -5.49 -27.38 -14.03
N SER A 438 -5.98 -26.19 -14.34
CA SER A 438 -7.40 -25.85 -14.08
C SER A 438 -8.35 -26.79 -14.81
N ASP A 439 -8.18 -26.90 -16.12
CA ASP A 439 -9.04 -27.76 -16.95
C ASP A 439 -8.98 -29.19 -16.46
N HIS A 440 -7.78 -29.64 -16.09
CA HIS A 440 -7.65 -31.02 -15.65
C HIS A 440 -8.38 -31.26 -14.32
N MET A 441 -8.19 -30.38 -13.35
CA MET A 441 -8.87 -30.55 -12.06
C MET A 441 -10.39 -30.45 -12.20
N LEU A 442 -10.86 -29.61 -13.11
CA LEU A 442 -12.31 -29.49 -13.31
C LEU A 442 -12.91 -30.73 -13.96
N ALA A 443 -12.12 -31.44 -14.76
CA ALA A 443 -12.64 -32.56 -15.53
C ALA A 443 -12.43 -33.91 -14.87
N THR A 444 -11.80 -33.92 -13.70
CA THR A 444 -11.48 -35.18 -13.04
C THR A 444 -11.67 -35.03 -11.53
N THR A 445 -11.21 -36.01 -10.76
CA THR A 445 -11.28 -35.94 -9.30
C THR A 445 -9.91 -35.74 -8.65
N ASP A 446 -8.89 -35.41 -9.46
CA ASP A 446 -7.56 -35.14 -8.91
C ASP A 446 -7.52 -33.83 -8.12
N ASP A 447 -6.68 -33.78 -7.10
CA ASP A 447 -6.32 -32.50 -6.49
C ASP A 447 -5.12 -31.91 -7.22
N LEU A 448 -4.59 -30.80 -6.71
CA LEU A 448 -3.48 -30.12 -7.38
C LEU A 448 -2.22 -30.99 -7.45
N HIS A 449 -1.89 -31.65 -6.34
CA HIS A 449 -0.70 -32.48 -6.25
C HIS A 449 -0.73 -33.58 -7.34
N GLU A 450 -1.85 -34.32 -7.36
CA GLU A 450 -2.04 -35.36 -8.37
C GLU A 450 -2.06 -34.78 -9.80
N ALA A 451 -2.75 -33.67 -9.99
CA ALA A 451 -2.81 -32.99 -11.28
C ALA A 451 -1.41 -32.69 -11.84
N ARG A 452 -0.55 -32.14 -10.99
CA ARG A 452 0.80 -31.79 -11.43
C ARG A 452 1.59 -33.05 -11.78
N LYS A 453 1.38 -34.12 -11.02
CA LYS A 453 2.14 -35.34 -11.33
C LYS A 453 1.72 -35.90 -12.70
N ARG A 454 0.41 -35.94 -12.94
CA ARG A 454 -0.10 -36.50 -14.19
C ARG A 454 0.23 -35.64 -15.41
N LEU A 455 0.10 -34.32 -15.28
CA LEU A 455 0.30 -33.46 -16.43
C LEU A 455 1.79 -33.22 -16.77
N PHE A 456 2.64 -33.08 -15.75
CA PHE A 456 4.03 -32.68 -15.99
C PHE A 456 5.08 -33.69 -15.53
N GLY A 457 4.62 -34.73 -14.83
CA GLY A 457 5.49 -35.84 -14.48
C GLY A 457 6.42 -35.62 -13.31
N VAL A 458 6.19 -34.57 -12.53
CA VAL A 458 7.03 -34.35 -11.34
C VAL A 458 6.79 -35.45 -10.32
N ASP A 459 7.73 -35.66 -9.40
CA ASP A 459 7.53 -36.66 -8.34
C ASP A 459 6.80 -36.08 -7.12
N ASP A 460 6.61 -36.93 -6.11
CA ASP A 460 5.84 -36.58 -4.91
C ASP A 460 6.46 -35.48 -4.04
N SER A 461 7.76 -35.23 -4.21
CA SER A 461 8.45 -34.27 -3.37
C SER A 461 8.54 -32.88 -4.02
N TRP A 462 8.11 -32.79 -5.28
CA TRP A 462 8.23 -31.54 -6.03
C TRP A 462 7.35 -30.46 -5.42
N ALA A 463 7.90 -29.26 -5.26
CA ALA A 463 7.11 -28.15 -4.75
C ALA A 463 7.63 -26.85 -5.31
N PRO A 464 6.72 -25.92 -5.65
CA PRO A 464 7.19 -24.64 -6.16
C PRO A 464 7.66 -23.78 -4.99
N PRO A 465 8.65 -22.93 -5.20
CA PRO A 465 9.04 -22.05 -4.09
C PRO A 465 8.00 -20.94 -3.86
N ALA A 466 8.04 -20.35 -2.67
CA ALA A 466 7.18 -19.22 -2.35
C ALA A 466 7.95 -17.93 -2.52
N GLU A 467 7.26 -16.83 -2.78
CA GLU A 467 7.92 -15.53 -2.79
C GLU A 467 8.47 -15.20 -1.39
N ALA A 468 9.64 -14.58 -1.34
CA ALA A 468 10.20 -14.05 -0.10
C ALA A 468 9.21 -13.05 0.47
N ILE A 469 9.22 -12.90 1.80
CA ILE A 469 8.34 -11.92 2.45
C ILE A 469 8.39 -10.56 1.77
N ASN A 470 9.61 -10.08 1.53
CA ASN A 470 9.81 -8.73 1.04
C ASN A 470 9.83 -8.61 -0.48
N ALA A 471 9.48 -9.69 -1.19
CA ALA A 471 9.41 -9.62 -2.65
C ALA A 471 8.42 -8.55 -3.05
N PRO A 472 8.87 -7.59 -3.87
CA PRO A 472 8.07 -6.39 -4.17
C PRO A 472 6.77 -6.74 -4.92
N VAL A 473 5.71 -5.98 -4.63
CA VAL A 473 4.43 -6.20 -5.28
C VAL A 473 4.03 -4.97 -6.08
N GLY A 474 4.96 -4.03 -6.21
CA GLY A 474 4.74 -2.81 -6.96
C GLY A 474 3.79 -1.81 -6.31
N ASN A 475 3.55 -1.99 -5.01
CA ASN A 475 2.71 -1.06 -4.24
C ASN A 475 3.52 -0.47 -3.10
N PRO A 476 3.74 0.85 -3.09
CA PRO A 476 4.68 1.47 -2.14
C PRO A 476 4.35 1.21 -0.67
N SER A 477 3.09 1.37 -0.27
CA SER A 477 2.75 1.14 1.14
C SER A 477 2.93 -0.33 1.51
N VAL A 478 2.34 -1.21 0.70
CA VAL A 478 2.50 -2.63 0.94
C VAL A 478 3.98 -3.01 1.01
N ASP A 479 4.75 -2.58 0.01
CA ASP A 479 6.16 -2.96 -0.08
C ASP A 479 6.99 -2.48 1.13
N ARG A 480 6.75 -1.24 1.56
CA ARG A 480 7.46 -0.74 2.74
C ARG A 480 7.12 -1.61 3.97
N THR A 481 5.84 -1.96 4.08
CA THR A 481 5.41 -2.86 5.15
C THR A 481 6.11 -4.22 5.09
N LEU A 482 6.21 -4.78 3.89
CA LEU A 482 6.77 -6.11 3.74
C LEU A 482 8.27 -6.11 4.06
N LYS A 483 8.98 -5.04 3.67
CA LYS A 483 10.42 -4.95 4.00
C LYS A 483 10.60 -4.88 5.51
N ILE A 484 9.79 -4.04 6.15
CA ILE A 484 9.81 -3.95 7.61
C ILE A 484 9.53 -5.31 8.32
N VAL A 485 8.49 -6.03 7.89
CA VAL A 485 8.15 -7.29 8.53
C VAL A 485 9.25 -8.32 8.32
N GLY A 486 9.73 -8.41 7.09
CA GLY A 486 10.78 -9.36 6.79
C GLY A 486 12.02 -9.13 7.64
N ARG A 487 12.49 -7.89 7.70
CA ARG A 487 13.70 -7.71 8.50
C ARG A 487 13.47 -7.82 10.00
N TYR A 488 12.28 -7.44 10.49
CA TYR A 488 12.01 -7.60 11.91
C TYR A 488 12.03 -9.08 12.29
N LEU A 489 11.30 -9.91 11.54
CA LEU A 489 11.24 -11.34 11.82
C LEU A 489 12.66 -11.98 11.74
N SER A 490 13.45 -11.60 10.74
CA SER A 490 14.85 -12.07 10.72
C SER A 490 15.63 -11.66 11.97
N ALA A 491 15.56 -10.39 12.37
CA ALA A 491 16.28 -9.94 13.58
C ALA A 491 15.80 -10.67 14.85
N VAL A 492 14.48 -10.86 14.95
CA VAL A 492 13.90 -11.55 16.10
C VAL A 492 14.49 -12.96 16.17
N GLU A 493 14.43 -13.69 15.05
CA GLU A 493 14.95 -15.06 15.06
C GLU A 493 16.43 -15.10 15.41
N SER A 494 17.22 -14.20 14.82
CA SER A 494 18.66 -14.17 15.11
C SER A 494 18.94 -13.91 16.59
N MET A 495 18.22 -12.97 17.17
CA MET A 495 18.49 -12.54 18.54
C MET A 495 17.97 -13.53 19.59
N TRP A 496 16.76 -14.06 19.38
CA TRP A 496 16.08 -14.83 20.42
C TRP A 496 15.67 -16.25 20.02
N GLY A 497 15.68 -16.55 18.73
CA GLY A 497 15.29 -17.87 18.26
C GLY A 497 13.94 -17.88 17.55
N THR A 498 13.57 -19.04 17.03
CA THR A 498 12.34 -19.18 16.23
C THR A 498 11.07 -18.97 17.06
N PRO A 499 10.19 -18.07 16.60
CA PRO A 499 8.96 -17.85 17.35
C PRO A 499 7.95 -19.00 17.17
N GLU A 500 7.16 -19.25 18.20
CA GLU A 500 6.13 -20.27 18.12
C GLU A 500 4.93 -19.73 17.35
N VAL A 501 4.63 -18.44 17.53
CA VAL A 501 3.56 -17.83 16.75
C VAL A 501 4.02 -16.49 16.16
N ILE A 502 3.52 -16.21 14.97
CA ILE A 502 3.58 -14.88 14.41
C ILE A 502 2.16 -14.47 14.12
N HIS A 503 1.62 -13.54 14.92
CA HIS A 503 0.26 -13.03 14.71
C HIS A 503 0.33 -11.63 14.10
N VAL A 504 -0.52 -11.39 13.10
CA VAL A 504 -0.55 -10.11 12.41
C VAL A 504 -1.95 -9.51 12.55
N GLU A 505 -2.04 -8.20 12.77
CA GLU A 505 -3.31 -7.54 12.62
C GLU A 505 -3.22 -6.64 11.38
N HIS A 506 -4.13 -6.86 10.43
CA HIS A 506 -4.18 -6.11 9.16
C HIS A 506 -4.98 -4.83 9.42
N VAL A 507 -4.91 -3.83 8.57
CA VAL A 507 -5.53 -2.54 8.95
C VAL A 507 -7.03 -2.38 8.73
N ARG A 508 -7.47 -2.46 7.48
CA ARG A 508 -8.88 -2.32 7.07
C ARG A 508 -8.94 -2.02 5.58
N ASP A 509 -9.39 -0.81 5.26
CA ASP A 509 -9.42 -0.34 3.88
C ASP A 509 -9.13 1.16 3.73
N GLY A 510 -7.90 1.60 4.00
CA GLY A 510 -6.87 0.77 4.62
C GLY A 510 -5.94 -0.01 3.72
N PHE A 511 -4.64 0.23 3.87
CA PHE A 511 -3.59 -0.60 3.27
C PHE A 511 -3.60 -0.65 1.74
N THR A 512 -4.14 0.38 1.12
CA THR A 512 -4.09 0.49 -0.32
C THR A 512 -3.27 1.73 -0.65
N SER A 513 -3.51 2.79 0.12
CA SER A 513 -2.80 4.05 -0.02
C SER A 513 -3.18 4.98 1.13
N GLU A 514 -2.54 6.13 1.19
CA GLU A 514 -2.98 7.19 2.08
C GLU A 514 -4.24 7.79 1.47
N ARG A 515 -4.29 7.78 0.14
CA ARG A 515 -5.42 8.30 -0.62
C ARG A 515 -6.74 7.59 -0.31
N MET A 516 -6.72 6.27 -0.48
CA MET A 516 -7.92 5.45 -0.28
C MET A 516 -8.34 5.44 1.19
N ALA A 517 -7.36 5.53 2.08
CA ALA A 517 -7.64 5.63 3.51
C ALA A 517 -8.36 6.95 3.85
N ASP A 518 -7.85 8.05 3.29
CA ASP A 518 -8.49 9.36 3.45
C ASP A 518 -9.93 9.34 2.94
N GLU A 519 -10.10 8.81 1.72
CA GLU A 519 -11.41 8.72 1.10
C GLU A 519 -12.39 7.89 1.94
N ARG A 520 -11.96 6.69 2.34
CA ARG A 520 -12.80 5.82 3.18
C ARG A 520 -13.14 6.47 4.52
N ASP A 521 -12.22 7.23 5.08
CA ASP A 521 -12.49 7.97 6.32
C ASP A 521 -13.56 9.03 6.10
N LYS A 522 -13.45 9.78 5.00
CA LYS A 522 -14.44 10.79 4.65
C LYS A 522 -15.83 10.18 4.43
N ALA A 523 -15.89 9.11 3.64
CA ALA A 523 -17.13 8.39 3.38
C ALA A 523 -17.71 7.78 4.66
N ASN A 524 -16.83 7.47 5.60
CA ASN A 524 -17.26 6.96 6.91
C ASN A 524 -17.87 8.06 7.78
N ARG A 525 -17.33 9.27 7.69
CA ARG A 525 -17.95 10.42 8.34
C ARG A 525 -19.31 10.70 7.69
N ARG A 526 -19.37 10.49 6.37
CA ARG A 526 -20.63 10.61 5.64
C ARG A 526 -21.66 9.66 6.22
N ARG A 527 -21.47 8.36 5.99
CA ARG A 527 -22.34 7.31 6.53
C ARG A 527 -22.71 7.52 8.01
N TYR A 528 -21.74 7.97 8.81
CA TYR A 528 -22.00 8.35 10.18
C TYR A 528 -23.10 9.41 10.23
N ASN A 529 -22.95 10.44 9.40
CA ASN A 529 -23.94 11.52 9.33
C ASN A 529 -25.31 11.08 8.81
N ASP A 530 -25.32 10.19 7.82
CA ASP A 530 -26.57 9.64 7.32
C ASP A 530 -27.28 8.87 8.43
N ASN A 531 -26.50 8.16 9.25
CA ASN A 531 -27.08 7.46 10.40
C ASN A 531 -27.64 8.41 11.45
N GLN A 532 -26.90 9.49 11.73
CA GLN A 532 -27.36 10.49 12.68
C GLN A 532 -28.66 11.15 12.21
N GLU A 533 -28.74 11.42 10.90
CA GLU A 533 -29.95 11.96 10.29
C GLU A 533 -31.10 10.95 10.40
N ALA A 534 -30.82 9.67 10.16
CA ALA A 534 -31.82 8.62 10.35
C ALA A 534 -32.38 8.62 11.79
N MET A 535 -31.47 8.73 12.75
CA MET A 535 -31.85 8.82 14.15
C MET A 535 -32.73 10.04 14.44
N LYS A 536 -32.32 11.20 13.92
CA LYS A 536 -33.09 12.43 14.09
C LYS A 536 -34.49 12.26 13.53
N LYS A 537 -34.59 11.65 12.35
CA LYS A 537 -35.87 11.50 11.69
C LYS A 537 -36.77 10.56 12.47
N ILE A 538 -36.20 9.52 13.07
CA ILE A 538 -37.00 8.66 13.94
C ILE A 538 -37.50 9.38 15.19
N GLN A 539 -36.60 10.13 15.84
CA GLN A 539 -36.98 10.92 17.02
C GLN A 539 -38.11 11.91 16.68
N ARG A 540 -38.01 12.51 15.50
CA ARG A 540 -38.99 13.48 15.04
C ARG A 540 -40.33 12.80 14.75
N ASP A 541 -40.29 11.75 13.91
CA ASP A 541 -41.51 11.17 13.36
C ASP A 541 -42.27 10.27 14.32
N TYR A 542 -41.58 9.74 15.34
CA TYR A 542 -42.19 8.81 16.28
C TYR A 542 -42.11 9.29 17.73
N GLY A 543 -41.49 10.46 17.93
CA GLY A 543 -41.35 11.03 19.26
C GLY A 543 -40.62 10.10 20.21
N LYS A 544 -39.67 9.33 19.70
CA LYS A 544 -38.91 8.40 20.53
C LYS A 544 -37.86 9.13 21.35
N GLU A 545 -38.05 9.17 22.67
CA GLU A 545 -37.06 9.78 23.54
C GLU A 545 -36.02 8.74 23.99
N GLY A 546 -34.76 9.17 24.04
CA GLY A 546 -33.71 8.30 24.52
C GLY A 546 -33.00 7.52 23.43
N TYR A 547 -32.61 6.29 23.76
CA TYR A 547 -31.76 5.48 22.90
C TYR A 547 -32.52 5.02 21.66
N ILE A 548 -31.97 5.32 20.49
CA ILE A 548 -32.52 4.82 19.24
C ILE A 548 -31.60 3.76 18.66
N SER A 549 -32.00 2.51 18.88
CA SER A 549 -31.22 1.34 18.52
C SER A 549 -31.15 1.15 17.01
N ARG A 550 -30.17 0.37 16.56
CA ARG A 550 -30.09 -0.04 15.15
C ARG A 550 -31.35 -0.81 14.72
N GLY A 551 -31.97 -1.53 15.66
CA GLY A 551 -33.21 -2.23 15.37
C GLY A 551 -34.30 -1.27 14.92
N ASP A 552 -34.45 -0.15 15.62
CA ASP A 552 -35.43 0.87 15.25
C ASP A 552 -35.23 1.35 13.80
N ILE A 553 -33.98 1.69 13.50
CA ILE A 553 -33.58 2.17 12.16
C ILE A 553 -33.85 1.13 11.06
N VAL A 554 -33.36 -0.08 11.25
CA VAL A 554 -33.56 -1.12 10.25
C VAL A 554 -35.06 -1.44 10.07
N ARG A 555 -35.80 -1.53 11.18
CA ARG A 555 -37.24 -1.79 11.08
C ARG A 555 -37.92 -0.76 10.22
N LEU A 556 -37.67 0.53 10.50
CA LEU A 556 -38.31 1.56 9.67
C LEU A 556 -37.87 1.46 8.20
N ASP A 557 -36.57 1.27 7.97
CA ASP A 557 -36.06 1.10 6.61
C ASP A 557 -36.73 -0.05 5.85
N ALA A 558 -36.90 -1.19 6.52
CA ALA A 558 -37.53 -2.37 5.94
C ALA A 558 -39.02 -2.13 5.67
N LEU A 559 -39.71 -1.55 6.64
CA LEU A 559 -41.10 -1.14 6.44
C LEU A 559 -41.28 -0.29 5.19
N GLU A 560 -40.43 0.71 5.03
CA GLU A 560 -40.57 1.58 3.84
C GLU A 560 -40.26 0.80 2.57
N LEU A 561 -39.17 0.04 2.59
CA LEU A 561 -38.79 -0.78 1.43
C LEU A 561 -39.89 -1.76 1.06
N GLN A 562 -40.53 -2.36 2.07
CA GLN A 562 -41.46 -3.46 1.80
C GLN A 562 -42.88 -2.95 1.60
N GLY A 563 -43.02 -1.63 1.52
CA GLY A 563 -44.31 -0.98 1.40
C GLY A 563 -45.27 -1.41 2.49
N CYS A 564 -44.79 -1.46 3.74
CA CYS A 564 -45.67 -1.76 4.87
C CYS A 564 -46.39 -3.11 4.73
N ALA A 565 -45.68 -4.09 4.21
CA ALA A 565 -46.22 -5.45 4.11
C ALA A 565 -45.22 -6.48 4.64
N CYS A 566 -45.73 -7.43 5.42
CA CYS A 566 -44.92 -8.53 5.91
C CYS A 566 -44.26 -9.25 4.72
N LEU A 567 -42.95 -9.40 4.75
CA LEU A 567 -42.26 -10.06 3.63
C LEU A 567 -42.71 -11.51 3.44
N TYR A 568 -43.12 -12.16 4.53
CA TYR A 568 -43.42 -13.59 4.43
C TYR A 568 -44.86 -13.92 3.96
N CYS A 569 -45.85 -13.16 4.41
CA CYS A 569 -47.27 -13.45 4.07
C CYS A 569 -47.99 -12.30 3.36
N GLY A 570 -47.31 -11.16 3.21
CA GLY A 570 -47.84 -10.05 2.45
C GLY A 570 -48.80 -9.14 3.18
N THR A 571 -49.14 -9.47 4.43
CA THR A 571 -50.15 -8.71 5.16
C THR A 571 -49.62 -7.34 5.60
N THR A 572 -50.53 -6.39 5.73
CA THR A 572 -50.20 -5.03 6.15
C THR A 572 -49.62 -4.97 7.56
N ILE A 573 -48.56 -4.20 7.72
CA ILE A 573 -47.92 -4.00 9.02
C ILE A 573 -47.47 -2.55 9.08
N GLY A 574 -47.28 -2.05 10.29
CA GLY A 574 -46.79 -0.69 10.48
C GLY A 574 -45.74 -0.68 11.58
N TYR A 575 -45.33 0.50 12.00
CA TYR A 575 -44.26 0.60 12.99
C TYR A 575 -44.64 0.02 14.35
N HIS A 576 -45.92 0.09 14.71
CA HIS A 576 -46.37 -0.48 15.99
C HIS A 576 -46.48 -2.00 15.93
N THR A 577 -46.82 -2.54 14.77
CA THR A 577 -47.23 -3.93 14.71
C THR A 577 -46.14 -4.85 14.16
N CYS A 578 -45.14 -4.30 13.47
CA CYS A 578 -44.18 -5.15 12.78
C CYS A 578 -43.01 -5.52 13.68
N GLN A 579 -42.32 -6.60 13.33
CA GLN A 579 -41.18 -7.06 14.10
C GLN A 579 -40.06 -7.37 13.13
N LEU A 580 -38.84 -7.30 13.61
CA LEU A 580 -37.68 -7.55 12.76
C LEU A 580 -37.29 -9.02 12.84
N ASP A 581 -37.09 -9.67 11.71
CA ASP A 581 -36.68 -11.08 11.75
C ASP A 581 -35.34 -11.28 11.09
N HIS A 582 -34.57 -12.24 11.62
CA HIS A 582 -33.40 -12.78 10.93
C HIS A 582 -33.93 -13.91 10.04
N ILE A 583 -33.79 -13.76 8.72
CA ILE A 583 -34.28 -14.76 7.77
C ILE A 583 -33.73 -16.13 8.11
N VAL A 584 -32.40 -16.20 8.22
CA VAL A 584 -31.69 -17.43 8.53
C VAL A 584 -31.07 -17.32 9.91
N PRO A 585 -31.36 -18.28 10.78
CA PRO A 585 -30.74 -18.29 12.11
C PRO A 585 -29.29 -18.78 12.01
N GLN A 586 -28.55 -18.63 13.10
CA GLN A 586 -27.14 -19.00 13.12
C GLN A 586 -26.93 -20.00 14.24
N ALA A 587 -26.30 -21.13 13.93
CA ALA A 587 -25.96 -22.12 14.95
C ALA A 587 -25.09 -21.46 16.02
N GLY A 588 -25.37 -21.78 17.28
CA GLY A 588 -24.61 -21.25 18.39
C GLY A 588 -24.91 -19.79 18.66
N PRO A 589 -24.19 -19.19 19.63
CA PRO A 589 -24.43 -17.83 20.11
C PRO A 589 -24.43 -16.79 19.00
N GLY A 590 -25.44 -15.92 19.02
CA GLY A 590 -25.49 -14.83 18.07
C GLY A 590 -26.11 -15.18 16.73
N SER A 591 -26.04 -14.22 15.82
CA SER A 591 -26.70 -14.32 14.52
C SER A 591 -25.89 -13.56 13.50
N ASN A 592 -26.19 -13.80 12.23
CA ASN A 592 -25.66 -12.94 11.17
C ASN A 592 -26.53 -11.66 11.08
N ASN A 593 -25.96 -10.52 11.45
CA ASN A 593 -26.73 -9.29 11.62
C ASN A 593 -26.63 -8.31 10.44
N ARG A 594 -26.12 -8.79 9.31
CA ARG A 594 -26.07 -7.97 8.09
C ARG A 594 -27.50 -7.56 7.67
N ARG A 595 -27.63 -6.38 7.07
CA ARG A 595 -28.90 -5.89 6.58
C ARG A 595 -29.62 -6.91 5.69
N GLY A 596 -28.85 -7.71 4.94
CA GLY A 596 -29.45 -8.67 4.02
C GLY A 596 -30.04 -9.90 4.69
N ASN A 597 -29.84 -10.03 6.01
CA ASN A 597 -30.47 -11.12 6.74
C ASN A 597 -31.63 -10.63 7.62
N LEU A 598 -32.02 -9.37 7.45
CA LEU A 598 -33.07 -8.78 8.31
C LEU A 598 -34.25 -8.31 7.49
N VAL A 599 -35.47 -8.69 7.89
CA VAL A 599 -36.66 -8.21 7.18
C VAL A 599 -37.81 -7.88 8.13
N ALA A 600 -38.72 -7.00 7.71
CA ALA A 600 -39.87 -6.66 8.56
C ALA A 600 -40.99 -7.67 8.33
N VAL A 601 -41.65 -8.04 9.42
CA VAL A 601 -42.50 -9.21 9.42
C VAL A 601 -43.67 -8.97 10.38
N CYS A 602 -44.83 -9.60 10.14
CA CYS A 602 -45.96 -9.44 11.06
C CYS A 602 -45.68 -10.30 12.27
N GLU A 603 -46.38 -10.02 13.35
CA GLU A 603 -46.19 -10.75 14.60
C GLU A 603 -46.51 -12.25 14.47
N ARG A 604 -47.59 -12.57 13.78
CA ARG A 604 -47.97 -13.97 13.53
C ARG A 604 -46.84 -14.76 12.84
N CYS A 605 -46.33 -14.25 11.73
CA CYS A 605 -45.26 -14.99 11.02
C CYS A 605 -44.00 -15.09 11.87
N ASN A 606 -43.68 -14.05 12.62
CA ASN A 606 -42.46 -14.10 13.44
C ASN A 606 -42.60 -15.18 14.50
N ARG A 607 -43.78 -15.27 15.11
CA ARG A 607 -44.06 -16.25 16.16
C ARG A 607 -44.09 -17.68 15.60
N SER A 608 -44.80 -17.88 14.50
CA SER A 608 -44.82 -19.19 13.84
C SER A 608 -43.42 -19.67 13.38
N LYS A 609 -42.66 -18.78 12.74
CA LYS A 609 -41.36 -19.16 12.18
C LYS A 609 -40.37 -19.59 13.26
N SER A 610 -40.42 -18.93 14.41
CA SER A 610 -39.58 -19.33 15.54
C SER A 610 -38.12 -19.32 15.12
N ASN A 611 -37.37 -20.34 15.56
CA ASN A 611 -35.94 -20.35 15.22
C ASN A 611 -35.62 -21.11 13.91
N THR A 612 -36.57 -21.15 12.98
CA THR A 612 -36.39 -21.97 11.77
C THR A 612 -35.91 -21.10 10.62
N PRO A 613 -35.07 -21.66 9.73
CA PRO A 613 -34.82 -20.90 8.48
C PRO A 613 -36.11 -20.74 7.69
N PHE A 614 -36.28 -19.59 7.03
CA PHE A 614 -37.49 -19.27 6.28
C PHE A 614 -37.96 -20.40 5.35
N ALA A 615 -37.07 -20.89 4.50
CA ALA A 615 -37.44 -21.87 3.48
C ALA A 615 -37.94 -23.16 4.09
N VAL A 616 -37.37 -23.54 5.23
CA VAL A 616 -37.82 -24.77 5.87
C VAL A 616 -39.23 -24.56 6.46
N TRP A 617 -39.44 -23.41 7.10
CA TRP A 617 -40.72 -23.09 7.75
C TRP A 617 -41.86 -22.95 6.76
N ALA A 618 -41.54 -22.30 5.64
CA ALA A 618 -42.50 -22.03 4.58
C ALA A 618 -43.09 -23.31 4.01
N GLN A 619 -42.28 -24.37 3.98
CA GLN A 619 -42.67 -25.64 3.37
C GLN A 619 -43.69 -26.40 4.22
N LYS A 620 -43.73 -26.09 5.51
CA LYS A 620 -44.62 -26.80 6.41
C LYS A 620 -45.65 -25.95 7.16
N CYS A 621 -45.58 -24.62 7.03
CA CYS A 621 -46.41 -23.78 7.88
C CYS A 621 -47.87 -23.79 7.40
N GLY A 622 -48.07 -24.00 6.10
CA GLY A 622 -49.40 -23.96 5.52
C GLY A 622 -50.18 -22.67 5.77
N ILE A 623 -49.49 -21.53 5.80
CA ILE A 623 -50.18 -20.24 5.95
C ILE A 623 -50.39 -19.63 4.56
N PRO A 624 -51.62 -19.14 4.28
CA PRO A 624 -51.84 -18.56 2.95
C PRO A 624 -50.83 -17.47 2.58
N HIS A 625 -50.33 -17.53 1.34
CA HIS A 625 -49.39 -16.55 0.79
C HIS A 625 -47.98 -16.59 1.39
N VAL A 626 -47.69 -17.57 2.23
CA VAL A 626 -46.30 -17.80 2.68
C VAL A 626 -45.64 -18.87 1.80
N GLY A 627 -44.60 -18.47 1.09
CA GLY A 627 -43.76 -19.39 0.35
C GLY A 627 -42.53 -18.69 -0.18
N VAL A 628 -41.57 -19.47 -0.64
CA VAL A 628 -40.33 -18.96 -1.21
C VAL A 628 -40.59 -18.09 -2.44
N LYS A 629 -41.44 -18.57 -3.35
CA LYS A 629 -41.71 -17.84 -4.59
C LYS A 629 -42.41 -16.50 -4.32
N GLU A 630 -43.44 -16.52 -3.46
CA GLU A 630 -44.15 -15.30 -3.10
C GLU A 630 -43.21 -14.28 -2.46
N ALA A 631 -42.32 -14.78 -1.58
CA ALA A 631 -41.43 -13.87 -0.86
C ALA A 631 -40.40 -13.24 -1.80
N ILE A 632 -39.85 -14.06 -2.70
CA ILE A 632 -38.96 -13.58 -3.76
C ILE A 632 -39.65 -12.52 -4.62
N GLY A 633 -40.88 -12.79 -5.03
CA GLY A 633 -41.67 -11.85 -5.81
C GLY A 633 -41.76 -10.50 -5.11
N ARG A 634 -42.15 -10.53 -3.84
CA ARG A 634 -42.20 -9.29 -3.05
C ARG A 634 -40.84 -8.59 -3.07
N VAL A 635 -39.76 -9.34 -2.87
CA VAL A 635 -38.41 -8.71 -2.89
C VAL A 635 -38.09 -8.04 -4.24
N ARG A 636 -38.43 -8.71 -5.35
CA ARG A 636 -38.16 -8.15 -6.67
C ARG A 636 -38.94 -6.87 -6.87
N GLY A 637 -40.09 -6.77 -6.19
CA GLY A 637 -40.82 -5.51 -6.19
C GLY A 637 -40.18 -4.29 -5.52
N TRP A 638 -39.11 -4.47 -4.74
CA TRP A 638 -38.50 -3.35 -4.00
C TRP A 638 -37.93 -2.26 -4.90
N ARG A 639 -38.10 -1.00 -4.47
CA ARG A 639 -37.57 0.16 -5.18
C ARG A 639 -36.90 1.10 -4.18
N LYS A 640 -35.93 1.89 -4.62
CA LYS A 640 -35.25 2.81 -3.70
C LYS A 640 -36.21 3.86 -3.15
N GLN A 641 -36.02 4.19 -1.88
CA GLN A 641 -36.90 5.14 -1.18
C GLN A 641 -36.44 6.58 -1.39
N THR A 642 -35.30 6.74 -2.08
CA THR A 642 -34.75 8.05 -2.39
C THR A 642 -33.68 7.94 -3.48
N SER A 646 -29.10 5.13 -3.96
CA SER A 646 -28.05 4.19 -4.38
C SER A 646 -28.62 2.86 -4.87
N SER A 647 -28.74 2.70 -6.19
CA SER A 647 -29.36 1.52 -6.77
C SER A 647 -28.46 0.28 -6.76
N GLU A 648 -27.15 0.50 -6.73
CA GLU A 648 -26.20 -0.62 -6.65
C GLU A 648 -26.40 -1.34 -5.33
N ASP A 649 -26.32 -0.58 -4.23
CA ASP A 649 -26.58 -1.08 -2.88
C ASP A 649 -27.88 -1.87 -2.79
N LEU A 650 -28.95 -1.30 -3.37
CA LEU A 650 -30.25 -1.97 -3.37
C LEU A 650 -30.25 -3.28 -4.15
N THR A 651 -29.70 -3.29 -5.36
CA THR A 651 -29.57 -4.51 -6.17
C THR A 651 -28.83 -5.61 -5.40
N ARG A 652 -27.74 -5.23 -4.74
CA ARG A 652 -26.96 -6.19 -3.92
C ARG A 652 -27.83 -6.71 -2.79
N LEU A 653 -28.52 -5.79 -2.11
CA LEU A 653 -29.39 -6.15 -0.98
C LEU A 653 -30.40 -7.20 -1.44
N LYS A 654 -31.11 -6.89 -2.52
CA LYS A 654 -32.11 -7.81 -3.07
C LYS A 654 -31.55 -9.20 -3.39
N LYS A 655 -30.36 -9.24 -3.98
CA LYS A 655 -29.75 -10.56 -4.27
C LYS A 655 -29.48 -11.33 -2.98
N GLU A 656 -28.93 -10.64 -2.00
CA GLU A 656 -28.65 -11.26 -0.71
C GLU A 656 -29.93 -11.80 -0.05
N VAL A 657 -30.97 -10.98 -0.03
CA VAL A 657 -32.22 -11.38 0.60
C VAL A 657 -32.83 -12.59 -0.11
N ILE A 658 -32.84 -12.57 -1.44
CA ILE A 658 -33.42 -13.68 -2.20
C ILE A 658 -32.65 -15.00 -1.91
N ALA A 659 -31.32 -14.89 -1.93
CA ALA A 659 -30.49 -16.05 -1.61
C ALA A 659 -30.80 -16.58 -0.21
N ARG A 660 -30.98 -15.69 0.76
CA ARG A 660 -31.24 -16.16 2.12
C ARG A 660 -32.66 -16.73 2.29
N LEU A 661 -33.60 -16.22 1.51
CA LEU A 661 -34.96 -16.73 1.55
C LEU A 661 -34.97 -18.16 1.01
N ARG A 662 -34.00 -18.51 0.16
CA ARG A 662 -33.94 -19.92 -0.27
C ARG A 662 -33.25 -20.90 0.69
N ARG A 663 -32.52 -20.39 1.69
CA ARG A 663 -31.62 -21.24 2.49
C ARG A 663 -32.36 -22.28 3.33
N THR A 664 -31.85 -23.51 3.35
CA THR A 664 -32.50 -24.55 4.17
C THR A 664 -31.60 -25.02 5.30
N GLN A 665 -30.38 -24.49 5.37
CA GLN A 665 -29.50 -24.79 6.49
C GLN A 665 -29.09 -23.51 7.20
N GLU A 666 -28.93 -23.60 8.50
CA GLU A 666 -28.45 -22.50 9.35
C GLU A 666 -27.09 -21.94 8.92
N ASP A 667 -26.88 -20.65 9.18
CA ASP A 667 -25.53 -20.09 9.09
C ASP A 667 -24.66 -20.83 10.10
N PRO A 668 -23.38 -21.00 9.78
CA PRO A 668 -22.49 -21.78 10.64
C PRO A 668 -22.10 -21.04 11.93
N GLU A 669 -21.74 -21.82 12.95
CA GLU A 669 -21.36 -21.29 14.25
C GLU A 669 -20.12 -20.41 14.12
N ILE A 670 -20.05 -19.39 14.98
CA ILE A 670 -18.85 -18.58 15.07
C ILE A 670 -17.70 -19.50 15.52
N ASP A 671 -16.50 -19.30 14.97
CA ASP A 671 -15.34 -20.05 15.50
C ASP A 671 -14.05 -19.22 15.49
N GLU A 672 -12.92 -19.86 15.80
CA GLU A 672 -11.62 -19.19 15.93
C GLU A 672 -11.21 -18.42 14.68
N ARG A 673 -11.83 -18.72 13.53
CA ARG A 673 -11.41 -18.11 12.28
C ARG A 673 -12.36 -17.01 11.85
N SER A 674 -13.39 -16.78 12.66
CA SER A 674 -14.33 -15.71 12.34
C SER A 674 -13.62 -14.34 12.29
N MET A 675 -12.56 -14.18 13.07
CA MET A 675 -11.79 -12.93 13.12
C MET A 675 -10.64 -12.87 12.12
N GLU A 676 -10.47 -13.93 11.33
CA GLU A 676 -9.35 -13.99 10.38
C GLU A 676 -9.58 -13.04 9.21
N SER A 677 -8.54 -12.35 8.75
CA SER A 677 -8.79 -11.42 7.63
C SER A 677 -8.94 -12.21 6.33
N VAL A 678 -9.79 -11.73 5.44
CA VAL A 678 -9.98 -12.42 4.18
C VAL A 678 -9.49 -11.54 3.05
N ALA A 679 -8.86 -10.42 3.37
CA ALA A 679 -8.29 -9.58 2.34
C ALA A 679 -7.23 -10.35 1.59
N TRP A 680 -7.09 -10.05 0.30
CA TRP A 680 -6.09 -10.71 -0.54
C TRP A 680 -4.69 -10.56 0.05
N MET A 681 -4.35 -9.31 0.36
CA MET A 681 -3.01 -9.01 0.84
C MET A 681 -2.75 -9.73 2.16
N ALA A 682 -3.80 -9.90 2.95
CA ALA A 682 -3.68 -10.67 4.19
C ALA A 682 -3.35 -12.14 3.93
N ASN A 683 -4.03 -12.75 2.96
CA ASN A 683 -3.74 -14.13 2.62
C ASN A 683 -2.32 -14.27 2.04
N GLU A 684 -1.92 -13.30 1.23
CA GLU A 684 -0.61 -13.34 0.60
C GLU A 684 0.49 -13.21 1.67
N LEU A 685 0.25 -12.32 2.64
CA LEU A 685 1.18 -12.12 3.75
C LEU A 685 1.28 -13.36 4.64
N HIS A 686 0.13 -13.96 4.91
CA HIS A 686 0.09 -15.22 5.66
C HIS A 686 0.94 -16.25 4.92
N HIS A 687 0.72 -16.36 3.62
CA HIS A 687 1.47 -17.32 2.78
C HIS A 687 3.00 -17.10 2.85
N ARG A 688 3.43 -15.85 2.66
CA ARG A 688 4.88 -15.60 2.69
C ARG A 688 5.49 -15.86 4.06
N ILE A 689 4.80 -15.42 5.12
CA ILE A 689 5.33 -15.64 6.46
C ILE A 689 5.40 -17.11 6.83
N ALA A 690 4.30 -17.85 6.60
CA ALA A 690 4.25 -19.29 6.90
C ALA A 690 5.33 -20.04 6.12
N ALA A 691 5.52 -19.67 4.87
CA ALA A 691 6.57 -20.33 4.08
C ALA A 691 7.97 -19.99 4.63
N ALA A 692 8.19 -18.75 5.05
CA ALA A 692 9.52 -18.38 5.61
C ALA A 692 9.74 -18.93 7.02
N TYR A 693 8.67 -19.26 7.74
CA TYR A 693 8.79 -19.78 9.10
C TYR A 693 7.93 -21.03 9.25
N PRO A 694 8.36 -22.14 8.59
CA PRO A 694 7.56 -23.36 8.42
C PRO A 694 7.24 -24.00 9.76
N GLU A 695 8.08 -23.80 10.76
CA GLU A 695 7.78 -24.36 12.07
C GLU A 695 6.92 -23.45 12.94
N THR A 696 6.44 -22.34 12.37
CA THR A 696 5.74 -21.34 13.18
C THR A 696 4.26 -21.25 12.84
N THR A 697 3.42 -21.10 13.86
CA THR A 697 1.99 -20.90 13.62
C THR A 697 1.70 -19.44 13.23
N VAL A 698 1.13 -19.24 12.07
CA VAL A 698 0.91 -17.90 11.57
C VAL A 698 -0.58 -17.61 11.49
N MET A 699 -0.98 -16.41 11.90
CA MET A 699 -2.37 -15.96 11.76
C MET A 699 -2.42 -14.49 11.40
N VAL A 700 -3.33 -14.14 10.50
CA VAL A 700 -3.56 -12.76 10.12
C VAL A 700 -5.02 -12.40 10.37
N TYR A 701 -5.25 -11.56 11.38
CA TYR A 701 -6.59 -11.22 11.86
C TYR A 701 -7.02 -9.89 11.26
N ARG A 702 -8.31 -9.59 11.27
CA ARG A 702 -8.73 -8.28 10.79
C ARG A 702 -8.48 -7.22 11.83
N GLY A 703 -8.45 -5.97 11.39
CA GLY A 703 -7.98 -4.88 12.22
C GLY A 703 -8.90 -4.41 13.33
N SER A 704 -9.88 -5.22 13.68
CA SER A 704 -10.78 -4.90 14.78
C SER A 704 -10.43 -5.73 16.01
N ILE A 705 -9.64 -6.79 15.80
CA ILE A 705 -9.36 -7.72 16.90
C ILE A 705 -8.69 -7.09 18.13
N THR A 706 -7.68 -6.23 17.93
CA THR A 706 -6.97 -5.65 19.07
C THR A 706 -7.80 -4.62 19.83
N ALA A 707 -8.60 -3.83 19.13
CA ALA A 707 -9.52 -2.91 19.81
C ALA A 707 -10.52 -3.70 20.66
N ALA A 708 -11.04 -4.79 20.08
CA ALA A 708 -11.99 -5.64 20.80
C ALA A 708 -11.32 -6.23 22.06
N ALA A 709 -10.12 -6.76 21.88
CA ALA A 709 -9.35 -7.35 22.97
C ALA A 709 -9.03 -6.34 24.06
N ARG A 710 -8.60 -5.15 23.64
CA ARG A 710 -8.24 -4.13 24.63
C ARG A 710 -9.46 -3.76 25.45
N LYS A 711 -10.63 -3.62 24.80
CA LYS A 711 -11.85 -3.34 25.56
C LYS A 711 -12.24 -4.50 26.51
N ALA A 712 -12.24 -5.72 26.01
CA ALA A 712 -12.67 -6.88 26.78
C ALA A 712 -11.77 -7.16 27.98
N ALA A 713 -10.48 -6.87 27.84
CA ALA A 713 -9.56 -7.10 28.93
C ALA A 713 -9.41 -5.83 29.76
N GLY A 714 -10.01 -4.74 29.25
CA GLY A 714 -10.03 -3.45 29.94
C GLY A 714 -8.66 -2.86 30.22
N ILE A 715 -7.85 -2.66 29.18
CA ILE A 715 -6.49 -2.23 29.40
C ILE A 715 -6.10 -0.89 28.76
N ASP A 716 -6.97 -0.32 27.93
CA ASP A 716 -6.81 1.08 27.61
C ASP A 716 -7.06 1.75 28.95
N SER A 717 -6.30 2.78 29.26
CA SER A 717 -6.32 3.49 30.55
C SER A 717 -5.47 2.77 31.59
N ARG A 718 -4.82 1.69 31.18
CA ARG A 718 -3.81 1.06 32.05
C ARG A 718 -2.42 1.28 31.48
N ILE A 719 -2.35 1.51 30.17
CA ILE A 719 -1.06 1.77 29.56
C ILE A 719 -0.70 3.23 29.78
N ASN A 720 0.53 3.47 30.23
CA ASN A 720 1.00 4.83 30.53
C ASN A 720 1.52 5.57 29.30
N LEU A 721 0.69 5.67 28.26
CA LEU A 721 1.04 6.46 27.10
C LEU A 721 0.71 7.92 27.35
N ILE A 722 1.39 8.81 26.65
CA ILE A 722 1.05 10.23 26.62
C ILE A 722 -0.34 10.40 26.04
N GLY A 723 -1.17 11.26 26.63
CA GLY A 723 -2.52 11.46 26.15
C GLY A 723 -3.55 11.46 27.26
N GLU A 724 -4.56 12.30 27.13
CA GLU A 724 -5.61 12.40 28.14
C GLU A 724 -6.40 11.11 28.25
N LYS A 725 -6.43 10.36 27.14
CA LYS A 725 -7.21 9.12 27.04
C LYS A 725 -8.69 9.23 27.45
N GLY A 726 -9.48 10.06 26.77
CA GLY A 726 -9.01 10.95 25.72
C GLY A 726 -9.03 10.34 24.33
N ARG A 727 -9.65 9.19 24.19
CA ARG A 727 -9.72 8.50 22.92
C ARG A 727 -11.16 8.51 22.41
N LYS A 728 -11.43 8.95 21.17
CA LYS A 728 -10.50 9.54 20.19
C LYS A 728 -9.33 8.68 19.68
N ASP A 729 -8.41 9.32 18.96
CA ASP A 729 -7.26 8.67 18.37
C ASP A 729 -6.02 8.92 19.20
N ARG A 730 -5.29 7.85 19.52
CA ARG A 730 -4.13 7.94 20.40
C ARG A 730 -3.02 8.82 19.79
N ILE A 731 -2.59 9.81 20.56
CA ILE A 731 -1.59 10.77 20.12
C ILE A 731 -0.15 10.23 20.23
N ASP A 732 0.04 9.25 21.10
CA ASP A 732 1.33 8.64 21.32
C ASP A 732 1.56 7.55 20.28
N ARG A 733 2.59 7.68 19.47
CA ARG A 733 2.86 6.72 18.39
C ARG A 733 3.26 5.33 18.90
N ARG A 734 3.53 5.21 20.19
CA ARG A 734 3.88 3.92 20.75
C ARG A 734 2.66 3.01 20.87
N HIS A 735 1.47 3.52 20.52
CA HIS A 735 0.26 2.71 20.62
C HIS A 735 0.25 1.54 19.63
N HIS A 736 0.89 1.71 18.47
CA HIS A 736 1.02 0.61 17.51
C HIS A 736 1.78 -0.55 18.16
N ALA A 737 2.74 -0.23 19.03
CA ALA A 737 3.49 -1.26 19.74
C ALA A 737 2.59 -1.99 20.76
N VAL A 738 1.65 -1.26 21.36
CA VAL A 738 0.67 -1.87 22.25
C VAL A 738 -0.16 -2.86 21.47
N ASP A 739 -0.68 -2.42 20.32
CA ASP A 739 -1.53 -3.29 19.51
C ASP A 739 -0.81 -4.55 19.03
N ALA A 740 0.47 -4.41 18.66
CA ALA A 740 1.26 -5.59 18.30
C ALA A 740 1.43 -6.56 19.48
N SER A 741 1.71 -6.01 20.65
CA SER A 741 1.81 -6.82 21.86
C SER A 741 0.52 -7.59 22.16
N VAL A 742 -0.61 -6.92 21.99
CA VAL A 742 -1.90 -7.54 22.25
C VAL A 742 -2.16 -8.65 21.22
N VAL A 743 -1.91 -8.37 19.95
CA VAL A 743 -2.18 -9.41 18.95
C VAL A 743 -1.25 -10.61 19.16
N ALA A 744 -0.04 -10.37 19.69
CA ALA A 744 0.86 -11.50 19.95
C ALA A 744 0.26 -12.46 20.97
N LEU A 745 -0.55 -11.91 21.87
CA LEU A 745 -1.08 -12.68 22.98
C LEU A 745 -2.42 -13.35 22.64
N MET A 746 -2.97 -13.03 21.47
CA MET A 746 -4.26 -13.56 21.09
C MET A 746 -4.15 -15.09 20.93
N GLU A 747 -5.25 -15.79 21.15
CA GLU A 747 -5.30 -17.25 21.10
C GLU A 747 -6.62 -17.63 20.46
N ALA A 748 -6.69 -18.85 19.92
CA ALA A 748 -7.87 -19.32 19.17
C ALA A 748 -9.18 -19.23 19.96
N SER A 749 -9.22 -19.83 21.15
CA SER A 749 -10.43 -19.80 21.99
C SER A 749 -10.87 -18.36 22.29
N VAL A 750 -9.90 -17.47 22.50
CA VAL A 750 -10.22 -16.09 22.81
C VAL A 750 -10.78 -15.34 21.59
N ALA A 751 -10.18 -15.57 20.42
CA ALA A 751 -10.70 -15.03 19.18
C ALA A 751 -12.16 -15.43 18.97
N LYS A 752 -12.45 -16.71 19.22
CA LYS A 752 -13.81 -17.19 19.06
C LYS A 752 -14.75 -16.46 20.02
N THR A 753 -14.39 -16.44 21.30
CA THR A 753 -15.22 -15.74 22.27
C THR A 753 -15.46 -14.26 21.91
N LEU A 754 -14.42 -13.55 21.48
CA LEU A 754 -14.58 -12.16 21.05
C LEU A 754 -15.54 -12.01 19.86
N ALA A 755 -15.38 -12.89 18.87
CA ALA A 755 -16.29 -12.86 17.73
C ALA A 755 -17.76 -13.10 18.19
N GLU A 756 -17.94 -14.04 19.12
CA GLU A 756 -19.26 -14.29 19.67
C GLU A 756 -19.83 -13.09 20.42
N ARG A 757 -19.02 -12.46 21.24
CA ARG A 757 -19.46 -11.32 22.03
C ARG A 757 -19.90 -10.24 21.07
N SER A 758 -19.16 -10.10 19.98
CA SER A 758 -19.53 -9.08 19.01
C SER A 758 -20.87 -9.40 18.32
N SER A 759 -21.08 -10.69 18.04
CA SER A 759 -22.32 -11.13 17.37
C SER A 759 -23.53 -10.95 18.29
N LEU A 760 -23.34 -11.30 19.56
CA LEU A 760 -24.35 -11.13 20.57
C LEU A 760 -24.69 -9.66 20.71
N ARG A 761 -23.66 -8.82 20.65
CA ARG A 761 -23.90 -7.38 20.74
C ARG A 761 -24.75 -6.90 19.55
N GLY A 762 -24.39 -7.32 18.34
CA GLY A 762 -25.17 -7.00 17.15
C GLY A 762 -26.64 -7.40 17.30
N GLU A 763 -26.85 -8.59 17.85
CA GLU A 763 -28.22 -9.08 18.07
C GLU A 763 -28.95 -8.16 19.01
N GLN A 764 -28.32 -7.82 20.12
CA GLN A 764 -29.00 -7.04 21.14
C GLN A 764 -29.20 -5.57 20.75
N ARG A 765 -28.40 -5.08 19.80
CA ARG A 765 -28.66 -3.76 19.23
C ARG A 765 -29.90 -3.83 18.33
N LEU A 766 -30.12 -4.97 17.68
CA LEU A 766 -31.33 -5.11 16.87
C LEU A 766 -32.63 -5.18 17.70
N THR A 767 -32.57 -5.72 18.92
CA THR A 767 -33.73 -5.76 19.81
C THR A 767 -33.81 -4.54 20.74
N GLY A 768 -32.79 -3.68 20.68
CA GLY A 768 -32.72 -2.50 21.52
C GLY A 768 -32.86 -2.71 23.02
N LYS A 769 -32.71 -3.96 23.48
CA LYS A 769 -32.94 -4.31 24.87
C LYS A 769 -31.69 -4.21 25.74
N GLU A 770 -31.84 -4.63 27.00
CA GLU A 770 -30.74 -4.67 27.95
C GLU A 770 -29.60 -5.52 27.43
N GLN A 771 -28.43 -4.92 27.28
CA GLN A 771 -27.29 -5.61 26.69
C GLN A 771 -26.58 -6.46 27.75
N THR A 772 -26.51 -7.76 27.50
CA THR A 772 -25.89 -8.69 28.44
C THR A 772 -24.62 -9.33 27.88
N TRP A 773 -24.28 -9.00 26.64
CA TRP A 773 -23.14 -9.60 25.94
C TRP A 773 -21.80 -9.46 26.67
N LYS A 774 -21.60 -8.38 27.42
CA LYS A 774 -20.36 -8.21 28.20
C LYS A 774 -20.17 -9.32 29.22
N GLN A 775 -21.28 -9.95 29.63
CA GLN A 775 -21.21 -11.05 30.59
C GLN A 775 -20.94 -12.40 29.93
N TYR A 776 -20.93 -12.44 28.60
CA TYR A 776 -20.61 -13.69 27.89
C TYR A 776 -19.09 -13.89 27.71
N THR A 777 -18.55 -14.94 28.33
CA THR A 777 -17.15 -15.27 28.16
C THR A 777 -16.97 -16.72 27.71
N GLY A 778 -18.02 -17.30 27.14
CA GLY A 778 -17.98 -18.66 26.59
C GLY A 778 -19.11 -19.61 26.99
N SER A 779 -19.35 -20.63 26.19
CA SER A 779 -20.46 -21.57 26.44
C SER A 779 -20.11 -22.87 27.16
N THR A 780 -18.82 -23.13 27.33
CA THR A 780 -18.37 -24.26 28.15
C THR A 780 -17.50 -23.74 29.27
N VAL A 781 -17.27 -24.57 30.29
CA VAL A 781 -16.36 -24.23 31.36
C VAL A 781 -14.94 -23.94 30.83
N GLY A 782 -14.54 -24.72 29.82
CA GLY A 782 -13.24 -24.56 29.20
C GLY A 782 -13.06 -23.21 28.50
N ALA A 783 -14.10 -22.77 27.79
CA ALA A 783 -14.01 -21.49 27.10
C ALA A 783 -13.93 -20.33 28.10
N ARG A 784 -14.74 -20.41 29.15
CA ARG A 784 -14.78 -19.36 30.16
C ARG A 784 -13.48 -19.29 30.97
N GLU A 785 -12.89 -20.45 31.25
CA GLU A 785 -11.58 -20.52 31.92
C GLU A 785 -10.47 -19.94 31.02
N HIS A 786 -10.46 -20.32 29.74
CA HIS A 786 -9.47 -19.73 28.82
C HIS A 786 -9.61 -18.22 28.78
N PHE A 787 -10.84 -17.74 28.74
CA PHE A 787 -11.07 -16.30 28.63
C PHE A 787 -10.59 -15.56 29.90
N GLU A 788 -10.85 -16.14 31.06
CA GLU A 788 -10.42 -15.51 32.30
C GLU A 788 -8.89 -15.52 32.46
N MET A 789 -8.29 -16.65 32.12
CA MET A 789 -6.84 -16.78 32.12
C MET A 789 -6.23 -15.72 31.20
N TRP A 790 -6.84 -15.57 30.03
CA TRP A 790 -6.33 -14.63 29.05
C TRP A 790 -6.45 -13.18 29.58
N ARG A 791 -7.55 -12.87 30.27
CA ARG A 791 -7.67 -11.55 30.87
C ARG A 791 -6.53 -11.31 31.86
N GLY A 792 -6.20 -12.36 32.62
CA GLY A 792 -5.04 -12.30 33.53
C GLY A 792 -3.74 -11.99 32.77
N HIS A 793 -3.53 -12.67 31.65
CA HIS A 793 -2.35 -12.45 30.83
C HIS A 793 -2.28 -11.02 30.36
N MET A 794 -3.41 -10.47 29.93
CA MET A 794 -3.46 -9.10 29.45
C MET A 794 -3.07 -8.12 30.55
N LEU A 795 -3.48 -8.44 31.78
CA LEU A 795 -3.07 -7.61 32.92
C LEU A 795 -1.54 -7.63 33.11
N HIS A 796 -0.97 -8.84 33.12
CA HIS A 796 0.49 -8.98 33.15
C HIS A 796 1.13 -8.16 32.02
N LEU A 797 0.52 -8.22 30.83
CA LEU A 797 1.11 -7.56 29.68
C LEU A 797 1.16 -6.05 29.90
N THR A 798 0.09 -5.48 30.44
CA THR A 798 0.13 -4.04 30.72
C THR A 798 1.19 -3.70 31.74
N GLU A 799 1.41 -4.57 32.73
CA GLU A 799 2.52 -4.32 33.66
C GLU A 799 3.91 -4.32 32.98
N LEU A 800 4.16 -5.34 32.16
CA LEU A 800 5.42 -5.44 31.43
C LEU A 800 5.62 -4.25 30.46
N PHE A 801 4.53 -3.83 29.84
CA PHE A 801 4.58 -2.75 28.86
C PHE A 801 4.87 -1.43 29.56
N ASN A 802 4.15 -1.16 30.66
CA ASN A 802 4.42 0.05 31.44
C ASN A 802 5.85 0.10 31.95
N GLU A 803 6.34 -1.05 32.40
CA GLU A 803 7.71 -1.13 32.89
C GLU A 803 8.69 -0.83 31.75
N ARG A 804 8.37 -1.31 30.55
CA ARG A 804 9.26 -1.05 29.42
C ARG A 804 9.21 0.42 28.97
N LEU A 805 8.03 1.04 29.04
CA LEU A 805 7.87 2.47 28.79
C LEU A 805 8.72 3.27 29.76
N ALA A 806 8.70 2.89 31.04
CA ALA A 806 9.49 3.59 32.05
C ALA A 806 11.00 3.48 31.79
N GLU A 807 11.45 2.37 31.19
CA GLU A 807 12.87 2.25 30.80
C GLU A 807 13.12 3.00 29.49
N ASP A 808 12.06 3.50 28.86
CA ASP A 808 12.13 4.16 27.55
C ASP A 808 12.65 3.22 26.46
N LYS A 809 12.22 1.96 26.52
CA LYS A 809 12.64 0.96 25.53
C LYS A 809 11.52 0.48 24.60
N VAL A 810 10.40 1.19 24.60
CA VAL A 810 9.41 1.05 23.53
C VAL A 810 9.82 2.07 22.47
N TYR A 811 10.40 1.59 21.37
CA TYR A 811 11.02 2.47 20.38
C TYR A 811 10.05 3.01 19.32
N VAL A 812 10.36 4.19 18.81
CA VAL A 812 9.71 4.69 17.60
C VAL A 812 10.82 4.86 16.57
N THR A 813 10.73 4.12 15.47
CA THR A 813 11.77 4.15 14.46
C THR A 813 11.25 4.65 13.13
N GLN A 814 12.18 4.96 12.23
CA GLN A 814 11.86 5.31 10.86
C GLN A 814 13.13 5.17 10.03
N ASN A 815 13.00 4.73 8.78
CA ASN A 815 14.18 4.60 7.92
C ASN A 815 14.65 5.96 7.42
N ILE A 816 15.95 6.04 7.14
CA ILE A 816 16.53 7.22 6.53
C ILE A 816 16.94 6.79 5.13
N ARG A 817 16.90 7.72 4.16
CA ARG A 817 17.31 7.38 2.81
C ARG A 817 18.77 7.73 2.63
N LEU A 818 19.57 6.76 2.19
CA LEU A 818 21.00 6.99 2.01
C LEU A 818 21.38 7.08 0.55
N ARG A 819 20.60 6.45 -0.32
CA ARG A 819 20.87 6.47 -1.75
C ARG A 819 20.40 7.77 -2.41
N LEU A 820 21.02 8.10 -3.54
CA LEU A 820 20.60 9.24 -4.34
C LEU A 820 19.22 9.00 -4.93
N SER A 821 18.33 9.97 -4.79
CA SER A 821 17.05 9.93 -5.51
C SER A 821 17.38 9.98 -6.99
N ASP A 822 16.66 9.22 -7.81
CA ASP A 822 16.96 9.15 -9.23
C ASP A 822 15.81 9.62 -10.11
N GLY A 823 16.16 10.35 -11.16
CA GLY A 823 15.23 10.73 -12.22
C GLY A 823 13.89 11.29 -11.79
N ASN A 824 12.82 10.64 -12.25
CA ASN A 824 11.45 11.13 -12.06
C ASN A 824 11.37 12.61 -12.37
N ALA A 825 11.15 13.41 -11.32
CA ALA A 825 11.19 14.87 -11.36
C ALA A 825 10.68 15.46 -12.68
N HIS A 826 11.52 16.26 -13.32
CA HIS A 826 11.17 16.95 -14.55
C HIS A 826 9.83 17.65 -14.40
N THR A 827 8.98 17.55 -15.42
CA THR A 827 7.65 18.16 -15.39
C THR A 827 7.72 19.65 -15.03
N VAL A 828 8.83 20.29 -15.39
CA VAL A 828 9.14 21.62 -14.89
C VAL A 828 9.55 22.60 -16.01
N ASN A 829 8.92 23.76 -16.02
CA ASN A 829 9.26 24.79 -17.00
C ASN A 829 10.35 25.74 -16.48
N PRO A 830 11.36 26.01 -17.32
CA PRO A 830 12.55 26.73 -16.84
C PRO A 830 12.29 28.22 -16.62
N SER A 831 12.91 28.77 -15.58
CA SER A 831 12.90 30.21 -15.35
C SER A 831 13.93 30.84 -16.25
N LYS A 832 13.82 32.15 -16.46
CA LYS A 832 14.71 32.82 -17.39
C LYS A 832 16.00 33.29 -16.73
N LEU A 833 17.11 33.09 -17.42
CA LEU A 833 18.39 33.58 -16.97
C LEU A 833 18.46 35.08 -17.19
N VAL A 834 19.26 35.77 -16.38
CA VAL A 834 19.47 37.20 -16.54
C VAL A 834 20.86 37.49 -17.11
N SER A 835 20.95 38.39 -18.09
CA SER A 835 22.22 38.72 -18.73
C SER A 835 22.91 39.97 -18.17
N HIS A 836 24.23 39.88 -17.95
CA HIS A 836 25.02 41.02 -17.49
C HIS A 836 26.22 41.22 -18.40
N ARG A 837 26.41 42.45 -18.86
CA ARG A 837 27.56 42.77 -19.68
C ARG A 837 28.79 42.56 -18.80
N LEU A 838 29.72 41.71 -19.24
CA LEU A 838 30.89 41.41 -18.41
C LEU A 838 31.70 42.65 -18.03
N GLY A 839 31.91 43.55 -18.99
CA GLY A 839 32.73 44.73 -18.77
C GLY A 839 32.17 45.77 -17.81
N ASP A 840 30.86 45.72 -17.51
CA ASP A 840 30.28 46.65 -16.55
C ASP A 840 30.57 46.25 -15.09
N GLY A 841 31.26 45.13 -14.91
CA GLY A 841 31.60 44.66 -13.58
C GLY A 841 30.47 43.91 -12.90
N LEU A 842 30.82 43.15 -11.87
CA LEU A 842 29.87 42.25 -11.22
C LEU A 842 30.12 42.28 -9.70
N THR A 843 29.04 42.25 -8.94
CA THR A 843 29.17 42.08 -7.49
C THR A 843 29.45 40.62 -7.18
N VAL A 844 29.89 40.38 -5.96
CA VAL A 844 30.07 39.01 -5.47
C VAL A 844 28.78 38.19 -5.56
N GLN A 845 27.63 38.80 -5.25
CA GLN A 845 26.38 38.07 -5.26
C GLN A 845 26.00 37.62 -6.67
N GLN A 846 26.22 38.50 -7.65
CA GLN A 846 25.96 38.17 -9.05
C GLN A 846 26.85 37.01 -9.51
N ILE A 847 28.15 37.12 -9.21
CA ILE A 847 29.12 36.09 -9.54
C ILE A 847 28.73 34.75 -8.92
N ASP A 848 28.38 34.74 -7.64
CA ASP A 848 27.95 33.50 -7.00
C ASP A 848 26.71 32.87 -7.66
N ARG A 849 25.98 33.63 -8.47
CA ARG A 849 24.83 33.07 -9.19
C ARG A 849 25.12 32.77 -10.67
N ALA A 850 26.41 32.64 -11.01
CA ALA A 850 26.83 32.29 -12.37
C ALA A 850 26.11 31.04 -12.86
N CYS A 851 25.66 31.04 -14.11
CA CYS A 851 24.79 29.96 -14.60
C CYS A 851 25.44 28.57 -14.70
N THR A 852 26.78 28.50 -14.65
CA THR A 852 27.49 27.21 -14.58
C THR A 852 28.70 27.31 -13.65
N PRO A 853 29.12 26.17 -13.07
CA PRO A 853 30.33 26.20 -12.24
C PRO A 853 31.58 26.65 -13.01
N ALA A 854 31.68 26.26 -14.28
CA ALA A 854 32.82 26.67 -15.08
C ALA A 854 32.88 28.20 -15.21
N LEU A 855 31.72 28.83 -15.40
CA LEU A 855 31.68 30.28 -15.48
C LEU A 855 32.13 30.89 -14.15
N TRP A 856 31.66 30.31 -13.04
CA TRP A 856 32.07 30.76 -11.70
C TRP A 856 33.59 30.69 -11.52
N CYS A 857 34.19 29.55 -11.89
CA CYS A 857 35.65 29.41 -11.85
C CYS A 857 36.32 30.52 -12.65
N ALA A 858 35.87 30.72 -13.89
CA ALA A 858 36.50 31.75 -14.71
C ALA A 858 36.38 33.16 -14.10
N LEU A 859 35.23 33.46 -13.49
CA LEU A 859 35.03 34.79 -12.93
C LEU A 859 35.89 35.02 -11.70
N THR A 860 35.96 34.02 -10.83
CA THR A 860 36.68 34.15 -9.57
C THR A 860 38.19 33.92 -9.71
N ARG A 861 38.67 33.41 -10.84
CA ARG A 861 40.14 33.29 -11.07
C ARG A 861 40.73 34.58 -11.58
N GLU A 862 39.89 35.53 -11.98
CA GLU A 862 40.39 36.82 -12.44
C GLU A 862 41.34 37.39 -11.38
N LYS A 863 42.45 37.94 -11.83
CA LYS A 863 43.47 38.45 -10.92
C LYS A 863 42.91 39.60 -10.08
N ASP A 864 41.93 40.33 -10.58
CA ASP A 864 41.38 41.44 -9.79
C ASP A 864 40.07 41.07 -9.05
N PHE A 865 39.72 39.78 -9.01
CA PHE A 865 38.56 39.35 -8.23
C PHE A 865 38.74 39.71 -6.77
N ASP A 866 37.72 40.33 -6.18
CA ASP A 866 37.82 40.74 -4.78
C ASP A 866 36.70 40.04 -4.00
N GLU A 867 37.05 39.41 -2.88
CA GLU A 867 36.09 38.62 -2.10
C GLU A 867 34.87 39.42 -1.64
N LYS A 868 35.00 40.73 -1.50
CA LYS A 868 33.88 41.59 -1.14
C LYS A 868 33.29 42.38 -2.31
N ASN A 869 34.15 42.87 -3.20
CA ASN A 869 33.72 43.86 -4.19
C ASN A 869 33.53 43.25 -5.57
N GLY A 870 33.83 41.96 -5.68
CA GLY A 870 33.62 41.22 -6.91
C GLY A 870 34.59 41.59 -8.03
N LEU A 871 34.04 41.95 -9.19
CA LEU A 871 34.85 42.29 -10.36
C LEU A 871 34.58 43.71 -10.77
N PRO A 872 35.62 44.55 -10.90
CA PRO A 872 35.40 45.94 -11.32
C PRO A 872 35.08 46.06 -12.80
N ALA A 873 34.46 47.16 -13.21
CA ALA A 873 34.22 47.41 -14.63
C ALA A 873 35.56 47.52 -15.36
N ARG A 874 35.69 46.85 -16.51
CA ARG A 874 36.93 46.87 -17.32
C ARG A 874 36.54 46.63 -18.78
N GLU A 875 37.24 47.27 -19.71
CA GLU A 875 36.91 47.10 -21.13
C GLU A 875 37.84 46.10 -21.84
N ASP A 876 38.91 45.68 -21.15
CA ASP A 876 39.90 44.76 -21.73
C ASP A 876 39.87 43.37 -21.08
N ARG A 877 38.74 43.02 -20.48
CA ARG A 877 38.64 41.73 -19.81
C ARG A 877 38.45 40.63 -20.84
N ALA A 878 39.10 39.49 -20.64
CA ALA A 878 38.86 38.31 -21.47
C ALA A 878 39.05 37.09 -20.61
N ILE A 879 38.01 36.26 -20.52
CA ILE A 879 38.06 35.05 -19.73
C ILE A 879 37.76 33.87 -20.63
N ARG A 880 38.05 32.66 -20.15
CA ARG A 880 37.77 31.47 -20.93
C ARG A 880 36.88 30.49 -20.18
N VAL A 881 35.74 30.17 -20.78
CA VAL A 881 34.83 29.18 -20.22
C VAL A 881 34.61 28.11 -21.30
N HIS A 882 35.04 26.89 -20.99
CA HIS A 882 34.97 25.76 -21.92
C HIS A 882 35.53 26.08 -23.32
N GLY A 883 36.72 26.67 -23.34
CA GLY A 883 37.36 27.03 -24.60
C GLY A 883 36.89 28.35 -25.18
N HIS A 884 35.66 28.76 -24.86
CA HIS A 884 35.09 29.98 -25.43
C HIS A 884 35.63 31.23 -24.76
N GLU A 885 36.10 32.17 -25.58
CA GLU A 885 36.54 33.46 -25.04
C GLU A 885 35.36 34.40 -24.82
N ILE A 886 35.24 34.88 -23.59
CA ILE A 886 34.22 35.85 -23.21
C ILE A 886 34.88 37.20 -22.90
N LYS A 887 34.49 38.23 -23.64
CA LYS A 887 35.11 39.55 -23.53
C LYS A 887 34.25 40.51 -22.72
N SER A 888 34.83 41.67 -22.38
CA SER A 888 34.10 42.74 -21.69
C SER A 888 32.78 43.10 -22.38
N SER A 889 32.75 42.96 -23.70
CA SER A 889 31.60 43.40 -24.47
C SER A 889 30.56 42.30 -24.57
N ASP A 890 30.89 41.13 -24.04
CA ASP A 890 29.99 39.99 -24.01
C ASP A 890 29.12 39.95 -22.76
N TYR A 891 28.11 39.10 -22.80
CA TYR A 891 27.18 38.98 -21.71
C TYR A 891 27.33 37.63 -21.05
N ILE A 892 27.37 37.59 -19.72
CA ILE A 892 27.28 36.33 -19.00
C ILE A 892 25.87 36.18 -18.43
N GLN A 893 25.52 34.98 -17.97
CA GLN A 893 24.18 34.71 -17.49
C GLN A 893 24.22 34.29 -16.04
N VAL A 894 23.26 34.78 -15.27
CA VAL A 894 23.12 34.38 -13.89
C VAL A 894 21.71 33.94 -13.59
N PHE A 895 21.59 33.08 -12.58
CA PHE A 895 20.30 32.77 -11.97
C PHE A 895 19.78 34.03 -11.30
N SER A 896 18.48 34.29 -11.45
CA SER A 896 17.82 35.33 -10.65
C SER A 896 16.33 35.02 -10.52
N LYS A 897 15.72 35.39 -9.39
CA LYS A 897 14.26 35.27 -9.23
C LYS A 897 13.59 36.64 -9.33
N ARG A 898 14.35 37.67 -9.67
CA ARG A 898 13.81 39.01 -9.76
C ARG A 898 13.46 39.36 -11.20
N LYS A 899 12.53 40.30 -11.37
CA LYS A 899 12.21 40.85 -12.68
C LYS A 899 13.46 41.34 -13.40
N LYS A 900 13.45 41.30 -14.73
CA LYS A 900 14.61 41.80 -15.49
C LYS A 900 14.67 43.33 -15.45
N THR A 901 13.59 43.95 -14.96
CA THR A 901 13.57 45.40 -14.79
C THR A 901 14.07 45.84 -13.40
N ASP A 902 14.32 44.89 -12.51
CA ASP A 902 14.87 45.21 -11.19
C ASP A 902 16.34 44.87 -11.10
N SER A 903 17.00 45.37 -10.05
CA SER A 903 18.41 45.05 -9.82
C SER A 903 18.58 43.72 -9.07
N ASP A 904 19.52 42.91 -9.53
CA ASP A 904 19.89 41.71 -8.81
C ASP A 904 21.28 41.90 -8.17
N ARG A 905 21.73 43.15 -7.98
CA ARG A 905 23.10 43.38 -7.51
C ARG A 905 23.36 42.73 -6.14
N ASP A 906 22.34 42.71 -5.28
CA ASP A 906 22.51 42.13 -3.95
C ASP A 906 21.72 40.84 -3.72
N GLU A 907 21.22 40.24 -4.80
CA GLU A 907 20.45 39.00 -4.66
C GLU A 907 21.39 37.86 -4.28
N THR A 908 21.03 37.14 -3.22
CA THR A 908 21.86 36.07 -2.71
C THR A 908 21.67 34.81 -3.54
N PRO A 909 22.68 33.93 -3.58
CA PRO A 909 22.60 32.68 -4.36
C PRO A 909 21.57 31.71 -3.79
N PHE A 910 20.97 30.90 -4.66
CA PHE A 910 20.04 29.87 -4.24
C PHE A 910 20.29 28.66 -5.14
N GLY A 911 19.89 27.47 -4.68
CA GLY A 911 20.14 26.26 -5.45
C GLY A 911 19.43 26.27 -6.80
N ALA A 912 20.22 26.29 -7.87
CA ALA A 912 19.68 26.28 -9.23
C ALA A 912 20.62 25.57 -10.20
N ILE A 913 20.06 25.04 -11.28
CA ILE A 913 20.88 24.50 -12.36
C ILE A 913 20.40 25.00 -13.72
N ALA A 914 21.34 25.20 -14.63
CA ALA A 914 21.01 25.61 -16.00
C ALA A 914 20.41 24.42 -16.72
N VAL A 915 19.33 24.65 -17.47
CA VAL A 915 18.76 23.64 -18.35
C VAL A 915 18.43 24.30 -19.69
N ARG A 916 17.86 23.54 -20.60
CA ARG A 916 17.42 24.09 -21.89
C ARG A 916 16.40 25.20 -21.64
N GLY A 917 16.66 26.38 -22.21
CA GLY A 917 15.73 27.49 -22.06
C GLY A 917 15.89 28.34 -20.80
N GLY A 918 16.87 28.01 -19.95
CA GLY A 918 17.12 28.79 -18.75
C GLY A 918 17.65 28.02 -17.56
N PHE A 919 16.88 27.98 -16.48
CA PHE A 919 17.28 27.25 -15.27
C PHE A 919 16.09 26.77 -14.47
N VAL A 920 16.33 25.79 -13.61
CA VAL A 920 15.32 25.38 -12.64
C VAL A 920 15.92 25.43 -11.25
N GLU A 921 15.08 25.62 -10.24
CA GLU A 921 15.55 25.60 -8.85
C GLU A 921 15.69 24.16 -8.41
N ILE A 922 16.63 23.87 -7.52
CA ILE A 922 16.77 22.52 -6.98
C ILE A 922 16.51 22.56 -5.50
N GLY A 923 15.43 23.24 -5.13
CA GLY A 923 15.11 23.57 -3.74
C GLY A 923 15.41 22.50 -2.72
N PRO A 924 14.48 21.56 -2.55
CA PRO A 924 14.65 20.55 -1.49
C PRO A 924 15.35 19.27 -1.99
N SER A 925 15.88 19.28 -3.21
CA SER A 925 16.63 18.13 -3.72
C SER A 925 18.03 18.07 -3.11
N ILE A 926 18.05 17.91 -1.80
CA ILE A 926 19.26 17.88 -0.99
C ILE A 926 19.41 16.45 -0.47
N HIS A 927 20.62 15.89 -0.57
CA HIS A 927 20.83 14.50 -0.18
C HIS A 927 21.23 14.35 1.30
N HIS A 928 22.15 15.20 1.76
CA HIS A 928 22.50 15.21 3.18
C HIS A 928 23.07 16.55 3.57
N ALA A 929 23.23 16.76 4.86
CA ALA A 929 23.93 17.95 5.36
C ALA A 929 25.18 17.49 6.10
N ARG A 930 26.31 18.14 5.82
CA ARG A 930 27.54 17.91 6.55
C ARG A 930 27.68 18.97 7.62
N ILE A 931 27.89 18.55 8.86
CA ILE A 931 28.01 19.47 9.99
C ILE A 931 29.47 19.80 10.28
N TYR A 932 29.78 21.09 10.32
CA TYR A 932 31.14 21.53 10.58
C TYR A 932 31.23 22.39 11.84
N ARG A 933 32.38 22.30 12.51
CA ARG A 933 32.76 23.29 13.49
C ARG A 933 33.80 24.23 12.90
N VAL A 934 33.43 25.50 12.80
CA VAL A 934 34.34 26.56 12.41
C VAL A 934 35.16 26.92 13.65
N GLU A 935 36.47 26.63 13.57
CA GLU A 935 37.38 26.76 14.70
C GLU A 935 37.74 28.21 14.99
N GLY A 936 37.91 28.52 16.28
CA GLY A 936 38.24 29.87 16.73
C GLY A 936 38.05 30.00 18.22
N LYS A 937 38.25 31.21 18.75
CA LYS A 937 38.04 31.47 20.18
C LYS A 937 36.59 31.22 20.56
N LYS A 938 35.68 31.79 19.77
CA LYS A 938 34.27 31.45 19.85
C LYS A 938 33.92 30.50 18.69
N PRO A 939 33.94 29.18 18.97
CA PRO A 939 33.70 28.15 17.95
C PRO A 939 32.28 28.29 17.41
N VAL A 940 32.09 28.12 16.10
CA VAL A 940 30.77 28.29 15.52
C VAL A 940 30.36 27.06 14.73
N TYR A 941 29.19 26.51 14.96
CA TYR A 941 28.75 25.36 14.18
C TYR A 941 27.91 25.76 12.96
N ALA A 942 28.09 25.06 11.85
CA ALA A 942 27.34 25.38 10.64
C ALA A 942 27.19 24.12 9.82
N MET A 943 26.37 24.16 8.77
CA MET A 943 26.19 23.00 7.94
C MET A 943 26.30 23.32 6.44
N LEU A 944 26.74 22.32 5.69
CA LEU A 944 26.73 22.36 4.24
C LEU A 944 25.64 21.42 3.72
N ARG A 945 24.58 21.97 3.13
CA ARG A 945 23.58 21.16 2.46
C ARG A 945 24.16 20.74 1.12
N VAL A 946 24.26 19.43 0.90
CA VAL A 946 24.78 18.90 -0.36
C VAL A 946 23.64 18.50 -1.29
N PHE A 947 23.46 19.27 -2.37
CA PHE A 947 22.39 18.99 -3.32
C PHE A 947 22.68 17.66 -4.05
N THR A 948 21.61 16.94 -4.37
CA THR A 948 21.71 15.64 -5.05
C THR A 948 22.52 15.79 -6.33
N HIS A 949 22.25 16.87 -7.06
CA HIS A 949 22.95 17.18 -8.29
C HIS A 949 24.47 17.14 -8.14
N ASP A 950 24.99 17.58 -6.99
CA ASP A 950 26.45 17.62 -6.82
C ASP A 950 27.10 16.27 -6.50
N LEU A 951 26.30 15.22 -6.44
CA LEU A 951 26.82 13.89 -6.14
C LEU A 951 26.70 12.93 -7.33
N LEU A 952 26.08 13.38 -8.41
CA LEU A 952 25.84 12.52 -9.57
C LEU A 952 27.13 11.98 -10.19
N SER A 953 28.19 12.78 -10.20
CA SER A 953 29.45 12.36 -10.81
C SER A 953 30.21 11.38 -9.91
N GLN A 954 29.82 11.31 -8.64
CA GLN A 954 30.47 10.40 -7.70
C GLN A 954 29.46 9.42 -7.10
N ARG A 955 28.43 9.10 -7.90
CA ARG A 955 27.35 8.17 -7.55
C ARG A 955 27.75 6.91 -6.79
N HIS A 956 28.70 6.17 -7.34
CA HIS A 956 29.00 4.84 -6.83
C HIS A 956 30.08 4.84 -5.77
N GLY A 957 30.42 6.02 -5.29
CA GLY A 957 31.43 6.16 -4.25
C GLY A 957 30.82 6.42 -2.89
N ASP A 958 31.68 6.78 -1.94
CA ASP A 958 31.24 7.23 -0.63
C ASP A 958 30.61 8.62 -0.77
N LEU A 959 29.29 8.71 -0.69
CA LEU A 959 28.58 9.96 -0.89
C LEU A 959 28.92 11.01 0.18
N PHE A 960 29.27 10.53 1.37
CA PHE A 960 29.48 11.42 2.50
C PHE A 960 30.93 11.92 2.59
N SER A 961 31.78 11.44 1.69
CA SER A 961 33.14 11.94 1.63
C SER A 961 33.49 12.44 0.23
N ALA A 962 32.54 12.42 -0.68
CA ALA A 962 32.77 12.93 -2.03
C ALA A 962 33.14 14.41 -1.96
N VAL A 963 34.04 14.84 -2.83
CA VAL A 963 34.49 16.22 -2.81
C VAL A 963 33.40 17.16 -3.33
N ILE A 964 33.14 18.21 -2.54
CA ILE A 964 32.16 19.22 -2.87
C ILE A 964 32.97 20.51 -2.99
N PRO A 965 33.35 20.88 -4.22
CA PRO A 965 34.31 21.95 -4.51
C PRO A 965 33.68 23.35 -4.42
N PRO A 966 34.51 24.39 -4.24
CA PRO A 966 34.04 25.76 -4.11
C PRO A 966 33.11 26.23 -5.24
N GLN A 967 33.32 25.79 -6.48
CA GLN A 967 32.50 26.26 -7.60
C GLN A 967 31.11 25.58 -7.66
N SER A 968 30.94 24.52 -6.86
CA SER A 968 29.65 23.79 -6.85
C SER A 968 28.52 24.68 -6.34
N ILE A 969 27.31 24.39 -6.81
CA ILE A 969 26.14 25.14 -6.38
C ILE A 969 25.90 24.93 -4.87
N SER A 970 26.22 23.75 -4.34
CA SER A 970 26.12 23.49 -2.90
C SER A 970 26.98 24.46 -2.05
N MET A 971 28.25 24.58 -2.39
CA MET A 971 29.13 25.45 -1.62
C MET A 971 28.67 26.89 -1.75
N ARG A 972 28.36 27.29 -2.98
CA ARG A 972 28.00 28.67 -3.26
C ARG A 972 26.70 29.07 -2.56
N CYS A 973 25.86 28.09 -2.23
CA CYS A 973 24.65 28.39 -1.44
C CYS A 973 24.83 28.19 0.06
N ALA A 974 26.03 27.85 0.50
CA ALA A 974 26.25 27.68 1.95
C ALA A 974 26.53 29.04 2.61
N GLU A 975 26.44 29.11 3.94
CA GLU A 975 26.80 30.34 4.66
C GLU A 975 28.20 30.78 4.28
N PRO A 976 28.35 32.07 3.91
CA PRO A 976 29.67 32.64 3.57
C PRO A 976 30.75 32.30 4.60
N LYS A 977 30.44 32.35 5.89
CA LYS A 977 31.46 32.04 6.91
C LYS A 977 31.91 30.57 6.82
N LEU A 978 31.01 29.69 6.42
CA LEU A 978 31.40 28.29 6.28
C LEU A 978 32.25 28.13 5.03
N ARG A 979 31.87 28.81 3.95
CA ARG A 979 32.63 28.78 2.71
C ARG A 979 34.07 29.20 2.97
N LYS A 980 34.22 30.36 3.61
CA LYS A 980 35.54 30.89 3.94
C LYS A 980 36.28 29.94 4.87
N ALA A 981 35.59 29.38 5.85
CA ALA A 981 36.27 28.46 6.76
C ALA A 981 36.79 27.20 6.03
N ILE A 982 35.99 26.63 5.14
CA ILE A 982 36.41 25.45 4.38
C ILE A 982 37.59 25.76 3.45
N THR A 983 37.53 26.89 2.75
CA THR A 983 38.60 27.30 1.85
C THR A 983 39.95 27.60 2.53
N THR A 984 39.93 27.95 3.82
CA THR A 984 41.16 28.27 4.55
C THR A 984 41.60 27.15 5.50
N GLY A 985 40.86 26.04 5.50
CA GLY A 985 41.20 24.92 6.37
C GLY A 985 40.87 25.15 7.83
N ASN A 986 39.86 25.99 8.09
CA ASN A 986 39.43 26.31 9.45
C ASN A 986 38.11 25.64 9.84
N ALA A 987 37.70 24.64 9.06
CA ALA A 987 36.44 23.96 9.33
C ALA A 987 36.65 22.48 9.60
N THR A 988 36.15 22.00 10.75
CA THR A 988 36.27 20.59 11.11
C THR A 988 34.96 19.84 10.80
N TYR A 989 35.05 18.85 9.91
CA TYR A 989 33.92 18.02 9.51
C TYR A 989 33.57 17.06 10.63
N LEU A 990 32.49 17.34 11.35
CA LEU A 990 32.07 16.52 12.48
C LEU A 990 31.39 15.22 12.03
N GLY A 991 30.46 15.33 11.08
CA GLY A 991 29.66 14.21 10.62
C GLY A 991 28.46 14.67 9.79
N TRP A 992 27.63 13.74 9.32
CA TRP A 992 26.52 14.06 8.41
C TRP A 992 25.14 13.66 8.93
N VAL A 993 24.11 14.38 8.52
CA VAL A 993 22.75 14.01 8.83
C VAL A 993 21.93 13.98 7.54
N VAL A 994 20.81 13.26 7.56
CA VAL A 994 19.83 13.31 6.48
C VAL A 994 18.42 13.55 7.03
N VAL A 995 17.51 13.95 6.17
CA VAL A 995 16.10 14.05 6.53
C VAL A 995 15.63 12.67 6.96
N GLY A 996 14.91 12.56 8.07
CA GLY A 996 14.51 11.27 8.59
C GLY A 996 15.34 10.85 9.79
N ASP A 997 16.54 11.43 9.93
CA ASP A 997 17.41 11.14 11.07
C ASP A 997 16.75 11.51 12.40
N GLU A 998 17.02 10.72 13.44
CA GLU A 998 16.57 11.02 14.80
C GLU A 998 17.61 11.82 15.59
N LEU A 999 17.15 12.85 16.29
CA LEU A 999 17.98 13.65 17.20
C LEU A 999 17.45 13.49 18.62
N GLU A 1000 18.34 13.20 19.56
CA GLU A 1000 18.01 13.24 20.96
C GLU A 1000 18.55 14.55 21.50
N ILE A 1001 17.67 15.39 22.04
CA ILE A 1001 17.99 16.75 22.39
C ILE A 1001 17.64 17.07 23.84
N ASN A 1002 18.60 17.60 24.59
CA ASN A 1002 18.29 18.18 25.87
C ASN A 1002 17.56 19.48 25.59
N VAL A 1003 16.31 19.58 25.99
CA VAL A 1003 15.53 20.77 25.64
C VAL A 1003 15.32 21.74 26.81
N ASP A 1004 16.13 21.62 27.86
CA ASP A 1004 15.97 22.45 29.05
C ASP A 1004 16.06 23.95 28.76
N SER A 1005 17.01 24.33 27.90
CA SER A 1005 17.26 25.74 27.62
C SER A 1005 16.21 26.39 26.71
N PHE A 1006 15.36 25.58 26.09
CA PHE A 1006 14.41 26.09 25.10
C PHE A 1006 13.04 26.45 25.68
N THR A 1007 12.96 27.60 26.33
CA THR A 1007 11.73 28.01 26.99
C THR A 1007 11.18 29.31 26.38
N LYS A 1008 11.84 29.79 25.34
CA LYS A 1008 11.36 30.97 24.61
C LYS A 1008 10.65 30.58 23.32
N TYR A 1009 9.83 31.48 22.81
CA TYR A 1009 9.14 31.33 21.52
C TYR A 1009 8.26 30.08 21.42
N ALA A 1010 7.84 29.77 20.19
CA ALA A 1010 6.88 28.69 19.95
C ALA A 1010 7.32 27.36 20.56
N ILE A 1011 8.59 27.02 20.40
CA ILE A 1011 9.13 25.79 20.99
C ILE A 1011 8.96 25.77 22.52
N GLY A 1012 9.18 26.91 23.19
CA GLY A 1012 9.02 26.98 24.63
C GLY A 1012 7.60 26.72 25.11
N ARG A 1013 6.64 27.28 24.39
CA ARG A 1013 5.22 27.10 24.71
C ARG A 1013 4.75 25.66 24.41
N PHE A 1014 5.19 25.14 23.26
CA PHE A 1014 4.96 23.73 22.94
C PHE A 1014 5.45 22.86 24.08
N LEU A 1015 6.69 23.09 24.50
CA LEU A 1015 7.30 22.38 25.61
C LEU A 1015 6.51 22.55 26.91
N GLU A 1016 5.84 23.70 27.09
CA GLU A 1016 4.93 23.86 28.23
C GLU A 1016 3.85 22.79 28.16
N ASP A 1017 3.24 22.62 26.98
CA ASP A 1017 2.20 21.58 26.88
C ASP A 1017 2.71 20.13 26.81
N PHE A 1018 3.87 19.92 26.20
CA PHE A 1018 4.47 18.57 26.13
C PHE A 1018 5.92 18.63 26.62
N PRO A 1019 6.12 18.67 27.95
CA PRO A 1019 7.48 18.84 28.50
C PRO A 1019 8.35 17.60 28.32
N ASN A 1020 9.66 17.80 28.24
CA ASN A 1020 10.60 16.71 28.02
C ASN A 1020 10.35 15.90 26.73
N THR A 1021 9.86 16.59 25.71
CA THR A 1021 9.87 16.05 24.36
C THR A 1021 11.32 16.16 23.86
N THR A 1022 12.06 15.06 23.93
CA THR A 1022 13.48 15.10 23.66
C THR A 1022 13.86 14.41 22.36
N ARG A 1023 12.93 13.66 21.77
CA ARG A 1023 13.22 12.93 20.55
C ARG A 1023 12.58 13.60 19.34
N TRP A 1024 13.43 14.02 18.39
CA TRP A 1024 12.97 14.83 17.26
C TRP A 1024 13.45 14.25 15.93
N ARG A 1025 12.69 14.48 14.88
CA ARG A 1025 13.06 14.01 13.57
C ARG A 1025 13.31 15.21 12.66
N ILE A 1026 14.41 15.13 11.92
CA ILE A 1026 14.74 16.11 10.90
C ILE A 1026 13.79 15.97 9.72
N CYS A 1027 13.00 17.01 9.47
CA CYS A 1027 12.01 16.98 8.40
C CYS A 1027 12.47 17.70 7.16
N GLY A 1028 13.47 18.58 7.33
CA GLY A 1028 14.00 19.32 6.19
C GLY A 1028 15.01 20.36 6.62
N TYR A 1029 15.54 21.08 5.64
CA TYR A 1029 16.47 22.15 5.87
C TYR A 1029 15.74 23.44 5.57
N ASP A 1030 15.29 24.11 6.64
CA ASP A 1030 14.49 25.31 6.50
C ASP A 1030 15.27 26.40 5.75
N THR A 1031 16.52 26.58 6.13
CA THR A 1031 17.39 27.52 5.44
C THR A 1031 18.78 26.91 5.38
N ASN A 1032 19.78 27.63 4.90
CA ASN A 1032 21.13 27.06 4.85
C ASN A 1032 21.83 27.03 6.21
N SER A 1033 21.09 27.36 7.28
CA SER A 1033 21.66 27.36 8.63
C SER A 1033 20.61 26.95 9.68
N LYS A 1034 19.46 26.45 9.22
CA LYS A 1034 18.41 26.01 10.15
C LYS A 1034 17.82 24.64 9.75
N LEU A 1035 17.50 23.82 10.74
CA LEU A 1035 16.82 22.55 10.52
C LEU A 1035 15.36 22.66 10.93
N THR A 1036 14.49 21.99 10.19
CA THR A 1036 13.09 21.89 10.60
C THR A 1036 12.93 20.59 11.39
N LEU A 1037 12.54 20.67 12.66
CA LEU A 1037 12.39 19.46 13.47
C LEU A 1037 10.94 19.25 13.88
N LYS A 1038 10.48 17.99 13.88
CA LYS A 1038 9.16 17.65 14.45
C LYS A 1038 9.29 16.54 15.49
N PRO A 1039 8.40 16.50 16.50
CA PRO A 1039 8.58 15.47 17.52
C PRO A 1039 8.31 14.07 16.97
N ILE A 1040 9.06 13.09 17.43
CA ILE A 1040 8.92 11.70 16.97
C ILE A 1040 7.72 10.95 17.57
N VAL A 1041 7.50 11.12 18.87
CA VAL A 1041 6.52 10.32 19.60
C VAL A 1041 5.06 10.73 19.30
N LEU A 1042 4.87 11.99 18.90
CA LEU A 1042 3.52 12.57 18.79
C LEU A 1042 2.90 12.49 17.38
N ALA A 1043 1.64 12.07 17.32
CA ALA A 1043 0.91 12.05 16.05
C ALA A 1043 0.01 13.28 15.96
N ALA A 1044 0.13 14.02 14.86
CA ALA A 1044 -0.72 15.19 14.63
C ALA A 1044 -2.22 14.90 14.81
N GLU A 1045 -2.67 13.78 14.25
CA GLU A 1045 -4.10 13.44 14.24
C GLU A 1045 -4.70 13.26 15.63
N GLY A 1046 -3.86 12.97 16.62
CA GLY A 1046 -4.34 12.78 17.99
C GLY A 1046 -4.54 14.08 18.76
N LEU A 1047 -4.20 15.20 18.12
CA LEU A 1047 -4.37 16.51 18.74
C LEU A 1047 -5.84 16.90 18.86
N GLU A 1048 -6.23 17.41 20.02
CA GLU A 1048 -7.60 17.84 20.27
C GLU A 1048 -7.58 19.28 20.77
N ASN A 1049 -7.99 20.20 19.91
CA ASN A 1049 -7.92 21.64 20.18
C ASN A 1049 -6.53 22.07 20.71
N PRO A 1050 -5.51 21.98 19.85
CA PRO A 1050 -4.16 22.37 20.25
C PRO A 1050 -3.96 23.88 20.36
N SER A 1051 -3.11 24.31 21.30
CA SER A 1051 -2.66 25.70 21.33
C SER A 1051 -1.91 25.98 20.03
N SER A 1052 -1.94 27.23 19.57
CA SER A 1052 -1.37 27.61 18.28
C SER A 1052 0.10 27.19 18.13
N ALA A 1053 0.82 27.23 19.25
CA ALA A 1053 2.23 26.83 19.25
C ALA A 1053 2.36 25.33 18.96
N VAL A 1054 1.62 24.53 19.71
CA VAL A 1054 1.61 23.08 19.53
C VAL A 1054 1.27 22.69 18.09
N ASN A 1055 0.28 23.34 17.51
CA ASN A 1055 -0.10 23.11 16.12
C ASN A 1055 1.01 23.53 15.16
N GLU A 1056 1.70 24.61 15.49
CA GLU A 1056 2.79 25.08 14.65
C GLU A 1056 3.94 24.07 14.64
N ILE A 1057 4.28 23.57 15.82
CA ILE A 1057 5.45 22.70 16.00
C ILE A 1057 5.19 21.27 15.52
N VAL A 1058 3.99 20.77 15.77
CA VAL A 1058 3.67 19.39 15.45
C VAL A 1058 3.11 19.25 14.04
N GLU A 1059 2.23 20.18 13.66
CA GLU A 1059 1.40 19.97 12.49
C GLU A 1059 1.80 20.84 11.29
N LEU A 1060 2.24 22.06 11.55
CA LEU A 1060 2.44 23.03 10.47
C LEU A 1060 3.89 23.21 10.03
N LYS A 1061 4.56 24.18 10.64
CA LYS A 1061 5.92 24.52 10.25
C LYS A 1061 6.99 23.64 10.90
N GLY A 1062 6.67 23.06 12.05
CA GLY A 1062 7.68 22.35 12.83
C GLY A 1062 8.58 23.31 13.60
N TRP A 1063 9.52 22.76 14.36
CA TRP A 1063 10.48 23.56 15.10
C TRP A 1063 11.66 23.89 14.20
N ARG A 1064 11.80 25.16 13.86
CA ARG A 1064 12.86 25.59 12.95
C ARG A 1064 14.00 26.22 13.74
N VAL A 1065 15.13 25.51 13.81
CA VAL A 1065 16.17 25.89 14.75
C VAL A 1065 17.54 26.01 14.07
N ALA A 1066 18.27 27.04 14.43
CA ALA A 1066 19.59 27.28 13.83
C ALA A 1066 20.57 26.19 14.26
N ILE A 1067 21.40 25.76 13.32
CA ILE A 1067 22.34 24.69 13.60
C ILE A 1067 23.31 25.06 14.74
N ASN A 1068 23.74 26.31 14.81
CA ASN A 1068 24.69 26.72 15.85
C ASN A 1068 24.09 26.65 17.26
N VAL A 1069 22.84 27.13 17.40
CA VAL A 1069 22.19 27.09 18.71
C VAL A 1069 21.80 25.67 19.10
N LEU A 1070 21.39 24.86 18.12
CA LEU A 1070 21.05 23.48 18.40
C LEU A 1070 22.30 22.74 18.85
N THR A 1071 23.39 22.92 18.11
CA THR A 1071 24.62 22.17 18.36
C THR A 1071 25.24 22.56 19.69
N LYS A 1072 25.03 23.80 20.11
CA LYS A 1072 25.55 24.21 21.42
C LYS A 1072 25.07 23.31 22.57
N VAL A 1073 23.91 22.67 22.44
CA VAL A 1073 23.43 21.77 23.50
C VAL A 1073 23.88 20.31 23.30
N HIS A 1074 24.71 20.08 22.28
CA HIS A 1074 25.29 18.77 22.01
C HIS A 1074 24.26 17.65 21.86
N PRO A 1075 23.45 17.74 20.79
CA PRO A 1075 22.45 16.69 20.58
C PRO A 1075 23.11 15.42 20.06
N THR A 1076 22.38 14.33 20.13
CA THR A 1076 22.91 13.06 19.63
C THR A 1076 22.13 12.62 18.39
N VAL A 1077 22.81 12.36 17.29
CA VAL A 1077 22.14 11.77 16.12
C VAL A 1077 21.98 10.28 16.39
N VAL A 1078 20.74 9.81 16.52
CA VAL A 1078 20.47 8.43 16.90
C VAL A 1078 20.10 7.55 15.70
N ARG A 1079 20.88 6.48 15.51
CA ARG A 1079 20.66 5.52 14.44
C ARG A 1079 20.29 4.17 15.07
N ARG A 1080 19.27 3.51 14.54
CA ARG A 1080 18.73 2.29 15.17
C ARG A 1080 18.78 1.06 14.26
N ASP A 1081 18.94 -0.12 14.86
CA ASP A 1081 18.96 -1.36 14.09
C ASP A 1081 17.55 -1.87 13.85
N ALA A 1082 17.43 -3.10 13.36
CA ALA A 1082 16.13 -3.65 12.99
C ALA A 1082 15.20 -3.86 14.19
N LEU A 1083 15.75 -3.90 15.40
CA LEU A 1083 14.93 -4.07 16.60
C LEU A 1083 14.65 -2.72 17.26
N GLY A 1084 15.12 -1.65 16.62
CA GLY A 1084 14.89 -0.31 17.13
C GLY A 1084 15.92 0.13 18.15
N ARG A 1085 16.91 -0.71 18.41
CA ARG A 1085 17.94 -0.38 19.40
C ARG A 1085 18.98 0.56 18.81
N PRO A 1086 19.45 1.53 19.62
CA PRO A 1086 20.50 2.45 19.16
C PRO A 1086 21.74 1.67 18.76
N ARG A 1087 22.39 2.09 17.67
CA ARG A 1087 23.59 1.47 17.16
C ARG A 1087 24.78 2.42 17.36
N TYR A 1088 25.83 1.95 18.03
CA TYR A 1088 26.96 2.82 18.34
C TYR A 1088 28.19 2.45 17.53
N SER A 1089 28.16 1.26 16.93
CA SER A 1089 29.26 0.79 16.10
C SER A 1089 28.74 -0.28 15.14
N SER A 1090 29.44 -0.48 14.04
CA SER A 1090 29.07 -1.46 13.03
C SER A 1090 30.27 -2.00 12.27
N ARG A 1091 30.40 -3.33 12.22
CA ARG A 1091 31.44 -3.99 11.45
C ARG A 1091 30.94 -4.25 10.03
N SER A 1092 29.78 -3.67 9.70
CA SER A 1092 29.18 -3.81 8.39
C SER A 1092 29.15 -2.49 7.64
N ASN A 1093 29.75 -1.46 8.26
CA ASN A 1093 29.72 -0.10 7.74
C ASN A 1093 28.31 0.52 7.64
N LEU A 1094 27.46 0.19 8.62
CA LEU A 1094 26.15 0.81 8.69
C LEU A 1094 26.22 2.11 9.48
N PRO A 1095 25.39 3.10 9.11
CA PRO A 1095 25.40 4.37 9.85
C PRO A 1095 25.17 4.17 11.35
N THR A 1096 25.93 4.89 12.17
CA THR A 1096 25.90 4.70 13.61
C THR A 1096 25.55 6.00 14.31
N SER A 1097 25.24 5.92 15.60
CA SER A 1097 24.91 7.11 16.37
C SER A 1097 26.18 7.96 16.62
N TRP A 1098 26.00 9.27 16.74
CA TRP A 1098 27.09 10.15 17.11
C TRP A 1098 26.57 11.46 17.70
N THR A 1099 27.30 11.99 18.67
CA THR A 1099 26.95 13.23 19.34
C THR A 1099 27.63 14.39 18.61
N ILE A 1100 26.85 15.40 18.25
CA ILE A 1100 27.38 16.54 17.50
C ILE A 1100 28.11 17.45 18.48
N GLU A 1101 29.45 17.46 18.38
CA GLU A 1101 30.31 17.99 19.43
C GLU A 1101 31.60 18.50 18.82
ZN ZN B . -46.76 -12.30 7.97
MG MG C . -37.71 -14.09 14.39
MG MG D . -4.43 -2.12 14.21
MG MG E . -27.87 -18.21 17.25
N1 SPD F . -16.85 -3.23 25.72
C2 SPD F . -16.48 -4.45 26.39
C3 SPD F . -15.37 -5.09 25.57
C4 SPD F . -15.75 -6.50 25.10
C5 SPD F . -15.64 -6.64 23.57
N6 SPD F . -15.50 -8.06 23.32
C7 SPD F . -16.29 -8.51 22.17
C8 SPD F . -15.64 -8.39 20.78
C9 SPD F . -16.28 -7.16 20.12
N10 SPD F . -15.65 -6.77 18.89
N1 SPD G . 18.92 11.37 1.83
C2 SPD G . 18.11 12.30 1.09
C3 SPD G . 17.90 11.78 -0.33
C4 SPD G . 16.56 12.29 -0.89
C5 SPD G . 16.69 13.77 -1.33
N6 SPD G . 15.38 14.28 -1.68
C7 SPD G . 15.49 15.13 -2.86
C8 SPD G . 14.70 14.54 -4.03
C9 SPD G . 13.52 15.43 -4.39
N10 SPD G . 12.44 15.15 -3.48
#